data_6C80
#
_entry.id   6C80
#
_cell.length_a   91.226
_cell.length_b   58.929
_cell.length_c   188.867
_cell.angle_alpha   90.000
_cell.angle_beta   95.620
_cell.angle_gamma   90.000
#
_symmetry.space_group_name_H-M   'I 1 2 1'
#
loop_
_entity.id
_entity.type
_entity.pdbx_description
1 polymer 'cytokinin oxidase LuCKX1.1'
2 non-polymer 'FLAVIN-ADENINE DINUCLEOTIDE'
3 non-polymer DI(HYDROXYETHYL)ETHER
4 non-polymer GLYCEROL
5 non-polymer 1-(2-METHOXY-ETHOXY)-2-{2-[2-(2-METHOXY-ETHOXY]-ETHOXY}-ETHANE
6 non-polymer 'AMMONIUM ION'
7 water water
#
_entity_poly.entity_id   1
_entity_poly.type   'polypeptide(L)'
_entity_poly.pdbx_seq_one_letter_code
;SLDLQGSIDYSTLAAGKDFGGVYSSNPLALIRPSGADDVARVLKSACRSSNLTVAARGNGHSINGQAMADGGIVLDMRST
EGNHFKILRINGGDHYADVSGGALWEDILMRCVSEYGLAPRSWTDYLRLTVGGTLSNAGVSGQAFRYGPQSSNVTELDVV
TGKGDFLTCSPTQNSDLFFGALGGLGQFGVITRARIPLEPAPDMVRWIRMVYAEFEDFSRDAEWLVTQPEKESFDYVEGF
AFVNSDSPADGWPSVPLNHMMTTPIHSGHQLLYCLELALHFNHSNSSSTVDSVVKRLIGGLRYMKGFKYEVDLSYVEFVM
RVKRVEEDARAHGMWDAPHPWLNLFVSKADIAEFDRLIFKGLLHDGVGGPMLVYPLLRSKWDSRSSVVLPEGEDEIFYIV
ALLRSNPPYPKGPSVDKLVSQNDKIIQSCIQHGLGFKLYLPHYQSQHDWRRHFGDQWSKFVQLKLAFDPMAVLAPGQKIF
TRRTKKDPA
;
_entity_poly.pdbx_strand_id   A,B
#
loop_
_chem_comp.id
_chem_comp.type
_chem_comp.name
_chem_comp.formula
FAD non-polymer 'FLAVIN-ADENINE DINUCLEOTIDE' 'C27 H33 N9 O15 P2'
GOL non-polymer GLYCEROL 'C3 H8 O3'
NH4 non-polymer 'AMMONIUM ION' 'H4 N 1'
PEG non-polymer DI(HYDROXYETHYL)ETHER 'C4 H10 O3'
PG6 non-polymer 1-(2-METHOXY-ETHOXY)-2-{2-[2-(2-METHOXY-ETHOXY]-ETHOXY}-ETHANE 'C12 H26 O6'
#
# COMPACT_ATOMS: atom_id res chain seq x y z
N SER A 1 42.37 -24.16 -15.07
CA SER A 1 42.78 -22.97 -15.82
C SER A 1 41.62 -22.01 -16.01
N LEU A 2 41.86 -20.73 -15.75
CA LEU A 2 40.82 -19.72 -15.77
C LEU A 2 40.48 -19.29 -17.20
N ASP A 3 39.22 -19.49 -17.60
CA ASP A 3 38.77 -19.23 -18.96
C ASP A 3 37.57 -18.27 -18.91
N LEU A 4 37.73 -17.10 -19.52
CA LEU A 4 36.79 -15.98 -19.35
C LEU A 4 36.38 -15.34 -20.67
N GLN A 5 35.16 -14.82 -20.73
CA GLN A 5 34.72 -14.04 -21.87
C GLN A 5 34.06 -12.75 -21.38
N GLY A 6 33.79 -11.83 -22.30
CA GLY A 6 33.13 -10.60 -21.96
C GLY A 6 31.76 -10.93 -21.40
N SER A 7 31.36 -10.19 -20.38
CA SER A 7 30.08 -10.44 -19.74
C SER A 7 28.96 -10.03 -20.69
N ILE A 8 28.09 -10.97 -21.00
CA ILE A 8 27.00 -10.73 -21.92
C ILE A 8 25.69 -10.69 -21.17
N ASP A 9 25.60 -11.51 -20.14
CA ASP A 9 24.34 -11.77 -19.47
C ASP A 9 24.02 -10.76 -18.37
N TYR A 10 24.88 -9.77 -18.18
CA TYR A 10 24.82 -8.94 -16.98
C TYR A 10 24.70 -7.44 -17.24
N SER A 11 23.97 -6.76 -16.37
CA SER A 11 23.86 -5.30 -16.42
C SER A 11 25.09 -4.68 -15.76
N THR A 12 25.35 -3.42 -16.07
CA THR A 12 26.52 -2.74 -15.53
C THR A 12 26.50 -2.75 -14.01
N LEU A 13 27.66 -2.96 -13.42
CA LEU A 13 27.83 -2.96 -11.98
C LEU A 13 28.99 -2.02 -11.66
N ALA A 14 28.77 -1.05 -10.77
CA ALA A 14 29.85 -0.14 -10.40
C ALA A 14 30.69 -0.76 -9.30
N ALA A 15 31.72 -1.52 -9.70
CA ALA A 15 32.48 -2.30 -8.73
C ALA A 15 33.49 -1.46 -7.95
N GLY A 16 33.57 -0.17 -8.28
CA GLY A 16 34.45 0.70 -7.54
C GLY A 16 33.70 1.63 -6.59
N LYS A 17 32.45 1.30 -6.32
CA LYS A 17 31.57 2.15 -5.50
C LYS A 17 30.88 1.25 -4.50
N ASP A 18 30.44 1.84 -3.38
CA ASP A 18 29.60 1.09 -2.46
C ASP A 18 28.59 2.03 -1.84
N PHE A 19 27.73 1.48 -0.98
CA PHE A 19 26.62 2.23 -0.37
C PHE A 19 27.09 3.42 0.45
N GLY A 20 28.26 3.29 1.09
CA GLY A 20 28.78 4.35 1.93
C GLY A 20 29.11 5.61 1.15
N GLY A 21 29.67 5.44 -0.04
CA GLY A 21 30.03 6.56 -0.89
C GLY A 21 31.13 7.42 -0.29
N VAL A 22 31.94 6.84 0.58
CA VAL A 22 33.08 7.53 1.18
C VAL A 22 34.31 7.35 0.31
N TYR A 23 34.53 6.14 -0.17
CA TYR A 23 35.69 5.84 -1.00
C TYR A 23 35.30 5.52 -2.43
N SER A 24 36.26 5.61 -3.33
CA SER A 24 36.05 5.09 -4.67
C SER A 24 37.32 4.39 -5.12
N SER A 25 37.17 3.43 -6.02
CA SER A 25 38.31 2.65 -6.47
C SER A 25 38.16 2.28 -7.93
N ASN A 26 39.26 1.81 -8.50
CA ASN A 26 39.31 1.43 -9.89
C ASN A 26 39.91 0.04 -10.03
N PRO A 27 39.06 -1.00 -9.97
CA PRO A 27 39.55 -2.37 -10.14
C PRO A 27 40.08 -2.61 -11.54
N LEU A 28 40.98 -3.57 -11.69
CA LEU A 28 41.47 -3.96 -12.99
C LEU A 28 40.34 -4.65 -13.75
N ALA A 29 39.52 -5.36 -13.02
CA ALA A 29 38.47 -6.15 -13.66
C ALA A 29 37.40 -6.59 -12.70
N LEU A 30 36.21 -6.73 -13.25
CA LEU A 30 35.08 -7.32 -12.55
C LEU A 30 34.84 -8.70 -13.15
N ILE A 31 34.77 -9.71 -12.30
CA ILE A 31 34.53 -11.06 -12.77
C ILE A 31 33.20 -11.56 -12.21
N ARG A 32 32.38 -12.15 -13.08
CA ARG A 32 31.15 -12.82 -12.66
C ARG A 32 31.39 -14.32 -12.59
N PRO A 33 31.79 -14.85 -11.42
CA PRO A 33 32.06 -16.30 -11.36
C PRO A 33 30.81 -17.16 -11.52
N SER A 34 30.94 -18.25 -12.25
CA SER A 34 29.84 -19.20 -12.38
CA SER A 34 29.86 -19.22 -12.37
C SER A 34 29.53 -19.86 -11.03
N GLY A 35 30.57 -20.10 -10.23
CA GLY A 35 30.40 -20.74 -8.93
C GLY A 35 31.73 -20.92 -8.24
N ALA A 36 31.81 -21.89 -7.32
CA ALA A 36 33.01 -22.08 -6.51
C ALA A 36 34.25 -22.42 -7.36
N ASP A 37 34.07 -23.14 -8.47
CA ASP A 37 35.22 -23.49 -9.31
C ASP A 37 35.92 -22.23 -9.84
N ASP A 38 35.13 -21.31 -10.38
CA ASP A 38 35.68 -20.05 -10.89
C ASP A 38 36.33 -19.23 -9.80
N VAL A 39 35.72 -19.19 -8.62
CA VAL A 39 36.29 -18.48 -7.50
C VAL A 39 37.68 -19.03 -7.19
N ALA A 40 37.78 -20.35 -7.12
CA ALA A 40 39.06 -21.00 -6.82
C ALA A 40 40.09 -20.70 -7.92
N ARG A 41 39.64 -20.75 -9.17
CA ARG A 41 40.53 -20.49 -10.30
C ARG A 41 41.08 -19.07 -10.19
N VAL A 42 40.22 -18.12 -9.84
CA VAL A 42 40.63 -16.73 -9.72
C VAL A 42 41.64 -16.57 -8.59
N LEU A 43 41.38 -17.20 -7.44
CA LEU A 43 42.30 -17.05 -6.32
C LEU A 43 43.63 -17.77 -6.55
N LYS A 44 43.59 -18.94 -7.16
CA LYS A 44 44.84 -19.63 -7.50
C LYS A 44 45.68 -18.76 -8.43
N SER A 45 45.05 -18.10 -9.39
CA SER A 45 45.78 -17.24 -10.31
C SER A 45 46.35 -16.01 -9.59
N ALA A 46 45.54 -15.43 -8.72
CA ALA A 46 45.98 -14.26 -7.95
C ALA A 46 47.22 -14.60 -7.12
N CYS A 47 47.24 -15.80 -6.54
CA CYS A 47 48.38 -16.23 -5.73
C CYS A 47 49.66 -16.40 -6.53
N ARG A 48 49.51 -16.72 -7.81
CA ARG A 48 50.67 -16.87 -8.67
C ARG A 48 51.19 -15.54 -9.15
N SER A 49 50.35 -14.51 -9.10
CA SER A 49 50.77 -13.20 -9.60
C SER A 49 51.70 -12.54 -8.60
N SER A 50 52.38 -11.47 -8.99
CA SER A 50 53.29 -10.82 -8.06
C SER A 50 52.50 -10.12 -6.94
N ASN A 51 51.37 -9.48 -7.27
CA ASN A 51 50.64 -8.72 -6.24
C ASN A 51 49.16 -8.43 -6.49
N LEU A 52 48.50 -9.23 -7.33
CA LEU A 52 47.07 -9.05 -7.50
C LEU A 52 46.29 -9.30 -6.22
N THR A 53 45.29 -8.46 -5.98
CA THR A 53 44.38 -8.68 -4.85
C THR A 53 42.98 -9.02 -5.39
N VAL A 54 42.17 -9.63 -4.54
CA VAL A 54 40.83 -10.06 -4.95
C VAL A 54 39.84 -9.63 -3.86
N ALA A 55 38.77 -8.95 -4.26
CA ALA A 55 37.69 -8.68 -3.31
C ALA A 55 36.40 -9.36 -3.78
N ALA A 56 35.78 -10.12 -2.89
CA ALA A 56 34.48 -10.68 -3.18
C ALA A 56 33.43 -9.62 -2.84
N ARG A 57 32.62 -9.25 -3.82
CA ARG A 57 31.57 -8.27 -3.56
C ARG A 57 30.26 -8.97 -3.30
N GLY A 58 29.54 -8.57 -2.26
CA GLY A 58 28.22 -9.14 -2.00
C GLY A 58 27.20 -8.34 -2.78
N ASN A 59 26.56 -7.38 -2.11
CA ASN A 59 25.63 -6.50 -2.81
C ASN A 59 26.04 -5.03 -2.69
N GLY A 60 27.31 -4.80 -2.35
CA GLY A 60 27.88 -3.46 -2.32
C GLY A 60 27.42 -2.59 -1.16
N HIS A 61 27.02 -3.22 -0.05
CA HIS A 61 26.46 -2.40 1.03
C HIS A 61 27.45 -1.92 2.09
N SER A 62 28.73 -2.21 1.88
CA SER A 62 29.78 -1.67 2.73
C SER A 62 29.73 -0.15 2.79
N ILE A 63 30.14 0.39 3.93
CA ILE A 63 30.24 1.83 4.12
C ILE A 63 31.61 2.36 3.74
N ASN A 64 32.63 1.53 3.94
CA ASN A 64 34.01 2.02 3.93
C ASN A 64 34.96 1.28 2.99
N GLY A 65 34.42 0.84 1.86
CA GLY A 65 35.25 0.27 0.82
C GLY A 65 35.73 -1.14 1.09
N GLN A 66 35.06 -1.82 2.03
CA GLN A 66 35.50 -3.16 2.44
C GLN A 66 35.46 -4.19 1.32
N ALA A 67 34.61 -4.01 0.31
CA ALA A 67 34.53 -4.94 -0.81
C ALA A 67 35.20 -4.41 -2.08
N MET A 68 36.10 -3.44 -1.92
CA MET A 68 36.81 -2.87 -3.06
C MET A 68 38.17 -3.51 -3.24
N ALA A 69 38.64 -3.52 -4.49
CA ALA A 69 40.01 -3.91 -4.78
C ALA A 69 40.54 -2.95 -5.80
N ASP A 70 40.98 -1.78 -5.35
CA ASP A 70 41.65 -0.84 -6.24
C ASP A 70 42.85 -1.53 -6.90
N GLY A 71 42.94 -1.45 -8.22
CA GLY A 71 44.05 -2.06 -8.95
C GLY A 71 44.05 -3.58 -8.82
N GLY A 72 42.90 -4.14 -8.46
CA GLY A 72 42.76 -5.57 -8.28
C GLY A 72 41.53 -6.14 -8.97
N ILE A 73 41.07 -7.30 -8.49
CA ILE A 73 39.98 -8.04 -9.11
C ILE A 73 38.78 -8.08 -8.20
N VAL A 74 37.60 -7.72 -8.71
CA VAL A 74 36.37 -7.84 -7.92
C VAL A 74 35.56 -9.02 -8.44
N LEU A 75 35.12 -9.89 -7.52
CA LEU A 75 34.21 -10.97 -7.85
C LEU A 75 32.78 -10.56 -7.53
N ASP A 76 31.90 -10.60 -8.52
CA ASP A 76 30.47 -10.34 -8.27
C ASP A 76 29.85 -11.62 -7.73
N MET A 77 29.73 -11.75 -6.41
CA MET A 77 29.31 -13.04 -5.86
C MET A 77 27.85 -13.31 -6.19
N ARG A 78 27.09 -12.29 -6.55
CA ARG A 78 25.69 -12.51 -6.89
C ARG A 78 25.50 -13.31 -8.18
N SER A 79 26.53 -13.39 -9.02
CA SER A 79 26.39 -14.21 -10.22
C SER A 79 26.33 -15.70 -9.84
N THR A 80 26.63 -16.01 -8.58
CA THR A 80 26.52 -17.39 -8.08
C THR A 80 25.28 -17.63 -7.23
N GLU A 81 24.35 -16.68 -7.22
CA GLU A 81 23.29 -16.64 -6.20
C GLU A 81 22.33 -17.84 -6.26
N GLY A 82 22.23 -18.46 -7.43
CA GLY A 82 21.33 -19.59 -7.63
C GLY A 82 21.92 -20.92 -7.20
N ASN A 83 23.26 -20.98 -7.16
CA ASN A 83 23.95 -22.21 -6.85
C ASN A 83 23.59 -22.81 -5.49
N HIS A 84 23.50 -24.12 -5.44
CA HIS A 84 23.43 -24.89 -4.20
C HIS A 84 22.08 -24.92 -3.49
N PHE A 85 21.07 -24.20 -3.97
CA PHE A 85 19.86 -24.10 -3.14
C PHE A 85 19.18 -25.43 -2.94
N LYS A 86 19.00 -25.80 -1.68
CA LYS A 86 18.19 -26.96 -1.38
C LYS A 86 17.71 -26.88 0.06
N ILE A 87 16.62 -27.59 0.30
CA ILE A 87 16.06 -27.72 1.63
C ILE A 87 16.16 -29.19 2.01
N LEU A 88 16.60 -29.46 3.23
CA LEU A 88 16.79 -30.83 3.65
C LEU A 88 16.25 -31.04 5.05
N ARG A 89 15.95 -32.30 5.37
CA ARG A 89 15.42 -32.68 6.67
C ARG A 89 16.42 -33.62 7.33
N ILE A 90 16.49 -33.59 8.65
CA ILE A 90 17.36 -34.52 9.37
C ILE A 90 16.59 -35.34 10.40
N GLY A 93 13.32 -34.28 12.88
CA GLY A 93 12.76 -33.67 11.68
C GLY A 93 13.07 -32.19 11.55
N ASP A 94 14.28 -31.79 11.91
CA ASP A 94 14.68 -30.39 11.75
C ASP A 94 14.99 -30.13 10.28
N HIS A 95 14.85 -28.88 9.85
CA HIS A 95 15.12 -28.56 8.45
C HIS A 95 16.28 -27.61 8.32
N TYR A 96 16.98 -27.71 7.18
CA TYR A 96 18.05 -26.79 6.86
C TYR A 96 17.95 -26.35 5.41
N ALA A 97 18.58 -25.23 5.09
CA ALA A 97 18.75 -24.81 3.71
C ALA A 97 20.23 -24.70 3.38
N ASP A 98 20.62 -25.20 2.22
CA ASP A 98 21.87 -24.79 1.59
C ASP A 98 21.59 -23.56 0.75
N VAL A 99 22.41 -22.53 0.91
CA VAL A 99 22.24 -21.30 0.15
C VAL A 99 23.59 -20.84 -0.36
N SER A 100 23.58 -20.19 -1.52
CA SER A 100 24.83 -19.66 -2.04
C SER A 100 25.36 -18.53 -1.16
N GLY A 101 26.68 -18.41 -1.05
CA GLY A 101 27.26 -17.25 -0.40
C GLY A 101 26.86 -15.94 -1.09
N GLY A 102 26.55 -16.02 -2.39
CA GLY A 102 26.11 -14.83 -3.12
C GLY A 102 24.61 -14.57 -3.15
N ALA A 103 23.83 -15.42 -2.49
CA ALA A 103 22.37 -15.23 -2.46
C ALA A 103 21.98 -14.07 -1.56
N LEU A 104 20.96 -13.32 -1.96
CA LEU A 104 20.37 -12.29 -1.08
C LEU A 104 19.44 -12.91 -0.04
N TRP A 105 19.47 -12.38 1.19
CA TRP A 105 18.58 -12.88 2.21
C TRP A 105 17.13 -12.71 1.77
N GLU A 106 16.83 -11.64 1.02
CA GLU A 106 15.47 -11.44 0.53
C GLU A 106 14.95 -12.64 -0.27
N ASP A 107 15.78 -13.16 -1.16
CA ASP A 107 15.36 -14.25 -2.04
C ASP A 107 15.27 -15.57 -1.26
N ILE A 108 16.13 -15.72 -0.27
CA ILE A 108 16.07 -16.90 0.60
C ILE A 108 14.76 -16.90 1.40
N LEU A 109 14.39 -15.76 1.97
CA LEU A 109 13.09 -15.64 2.63
C LEU A 109 11.93 -16.06 1.72
N MET A 110 11.88 -15.46 0.52
CA MET A 110 10.74 -15.70 -0.36
C MET A 110 10.67 -17.16 -0.77
N ARG A 111 11.82 -17.72 -1.11
CA ARG A 111 11.88 -19.10 -1.61
C ARG A 111 11.51 -20.10 -0.52
N CYS A 112 12.12 -19.96 0.67
CA CYS A 112 11.85 -20.89 1.75
C CYS A 112 10.39 -20.84 2.21
N VAL A 113 9.82 -19.64 2.29
CA VAL A 113 8.43 -19.51 2.74
C VAL A 113 7.47 -20.05 1.69
N SER A 114 7.66 -19.64 0.44
CA SER A 114 6.69 -20.03 -0.58
C SER A 114 6.82 -21.50 -0.96
N GLU A 115 8.04 -22.04 -0.93
CA GLU A 115 8.23 -23.42 -1.40
C GLU A 115 8.13 -24.47 -0.29
N TYR A 116 8.28 -24.05 0.96
CA TYR A 116 8.32 -25.03 2.04
C TYR A 116 7.68 -24.58 3.34
N GLY A 117 7.19 -23.34 3.39
CA GLY A 117 6.59 -22.84 4.62
C GLY A 117 7.61 -22.74 5.75
N LEU A 118 8.87 -22.58 5.38
CA LEU A 118 9.97 -22.45 6.35
C LEU A 118 10.69 -21.10 6.19
N ALA A 119 11.50 -20.73 7.17
CA ALA A 119 12.31 -19.54 7.03
C ALA A 119 13.51 -19.53 7.97
N PRO A 120 14.59 -18.84 7.56
CA PRO A 120 15.68 -18.61 8.49
C PRO A 120 15.15 -17.95 9.77
N ARG A 121 15.90 -18.07 10.86
CA ARG A 121 15.37 -17.59 12.13
C ARG A 121 16.13 -16.41 12.69
N SER A 122 17.20 -16.01 12.00
CA SER A 122 17.96 -14.85 12.41
C SER A 122 18.18 -14.01 11.16
N TRP A 123 17.83 -12.74 11.25
CA TRP A 123 17.82 -11.85 10.08
C TRP A 123 18.72 -10.64 10.21
N THR A 124 18.76 -9.86 9.14
CA THR A 124 19.19 -8.46 9.18
C THR A 124 17.93 -7.61 9.00
N ASP A 125 17.97 -6.33 9.36
CA ASP A 125 16.82 -5.45 9.14
C ASP A 125 16.51 -5.30 7.65
N TYR A 126 17.58 -5.25 6.87
CA TYR A 126 17.52 -4.99 5.44
C TYR A 126 17.94 -6.27 4.72
N LEU A 127 17.16 -6.71 3.74
CA LEU A 127 17.36 -8.08 3.23
C LEU A 127 18.12 -8.20 1.90
N ARG A 128 18.43 -7.08 1.25
CA ARG A 128 19.23 -7.17 0.03
C ARG A 128 20.73 -7.09 0.38
N LEU A 129 21.11 -8.01 1.25
CA LEU A 129 22.49 -8.25 1.63
C LEU A 129 22.79 -9.70 1.30
N THR A 130 24.06 -10.05 1.11
CA THR A 130 24.36 -11.44 0.76
C THR A 130 24.65 -12.28 1.99
N VAL A 131 24.49 -13.59 1.83
CA VAL A 131 24.86 -14.55 2.85
C VAL A 131 26.33 -14.40 3.27
N GLY A 132 27.24 -14.43 2.29
CA GLY A 132 28.66 -14.32 2.61
C GLY A 132 29.00 -12.98 3.24
N GLY A 133 28.36 -11.92 2.75
CA GLY A 133 28.61 -10.58 3.26
C GLY A 133 28.20 -10.45 4.72
N THR A 134 27.02 -10.94 5.08
CA THR A 134 26.63 -10.77 6.49
C THR A 134 27.34 -11.79 7.41
N LEU A 135 27.52 -13.02 6.95
CA LEU A 135 28.24 -14.01 7.77
C LEU A 135 29.68 -13.57 8.04
N SER A 136 30.25 -12.75 7.16
CA SER A 136 31.62 -12.26 7.36
C SER A 136 31.69 -11.18 8.42
N ASN A 137 30.52 -10.72 8.84
CA ASN A 137 30.45 -9.64 9.81
C ASN A 137 29.75 -10.11 11.06
N ALA A 138 28.43 -10.34 10.96
CA ALA A 138 27.69 -11.10 11.96
C ALA A 138 26.26 -11.30 11.50
N GLY A 139 25.61 -10.21 11.08
CA GLY A 139 24.22 -10.25 10.62
C GLY A 139 23.32 -10.13 11.84
N VAL A 140 22.92 -8.90 12.17
CA VAL A 140 22.18 -8.64 13.42
C VAL A 140 20.83 -7.98 13.14
N SER A 141 19.81 -8.43 13.87
CA SER A 141 18.48 -7.82 13.85
C SER A 141 17.79 -8.18 15.17
N GLY A 142 16.47 -7.99 15.24
CA GLY A 142 15.74 -8.20 16.48
C GLY A 142 15.55 -9.63 16.94
N GLN A 143 16.04 -10.60 16.17
CA GLN A 143 15.98 -12.01 16.57
C GLN A 143 17.24 -12.45 17.30
N ALA A 144 18.28 -11.63 17.26
CA ALA A 144 19.60 -12.06 17.75
C ALA A 144 19.61 -12.32 19.25
N PHE A 145 18.75 -11.64 20.01
CA PHE A 145 18.67 -11.93 21.45
C PHE A 145 18.17 -13.34 21.71
N ARG A 146 17.42 -13.92 20.76
CA ARG A 146 16.91 -15.27 20.92
C ARG A 146 17.80 -16.32 20.26
N TYR A 147 18.22 -16.06 19.03
CA TYR A 147 18.93 -17.08 18.23
C TYR A 147 20.38 -16.73 17.97
N GLY A 148 20.81 -15.55 18.41
CA GLY A 148 22.11 -15.04 18.03
C GLY A 148 22.09 -14.45 16.63
N PRO A 149 23.19 -13.79 16.25
CA PRO A 149 23.31 -13.19 14.92
C PRO A 149 23.37 -14.27 13.85
N GLN A 150 23.35 -13.88 12.58
CA GLN A 150 23.35 -14.90 11.54
C GLN A 150 24.58 -15.79 11.60
N SER A 151 25.69 -15.23 12.07
CA SER A 151 26.91 -16.02 12.20
C SER A 151 26.80 -17.12 13.27
N SER A 152 25.77 -17.06 14.13
CA SER A 152 25.55 -18.09 15.15
C SER A 152 24.53 -19.13 14.69
N ASN A 153 24.13 -19.04 13.42
CA ASN A 153 23.13 -19.93 12.84
C ASN A 153 23.62 -20.54 11.52
N VAL A 154 24.75 -21.24 11.59
CA VAL A 154 25.38 -21.84 10.41
C VAL A 154 25.85 -23.22 10.82
N THR A 155 25.57 -24.25 10.03
CA THR A 155 26.08 -25.57 10.41
C THR A 155 27.22 -26.02 9.51
N GLU A 156 27.33 -25.42 8.33
CA GLU A 156 28.38 -25.72 7.34
C GLU A 156 28.69 -24.51 6.48
N LEU A 157 29.94 -24.41 6.05
CA LEU A 157 30.34 -23.46 5.00
C LEU A 157 31.16 -24.18 3.93
N ASP A 158 30.98 -23.80 2.67
CA ASP A 158 32.04 -24.04 1.69
C ASP A 158 32.86 -22.77 1.61
N VAL A 159 34.18 -22.91 1.69
CA VAL A 159 35.07 -21.75 1.65
C VAL A 159 36.19 -22.00 0.64
N VAL A 160 36.44 -21.01 -0.21
CA VAL A 160 37.65 -21.00 -1.01
C VAL A 160 38.66 -20.10 -0.33
N THR A 161 39.78 -20.66 0.11
CA THR A 161 40.75 -19.90 0.88
C THR A 161 41.50 -18.92 0.00
N GLY A 162 42.28 -18.02 0.61
CA GLY A 162 43.06 -17.09 -0.15
C GLY A 162 44.10 -17.77 -1.03
N LYS A 163 44.42 -19.02 -0.73
CA LYS A 163 45.33 -19.79 -1.57
C LYS A 163 44.60 -20.44 -2.74
N GLY A 164 43.27 -20.38 -2.73
CA GLY A 164 42.48 -20.96 -3.80
C GLY A 164 42.04 -22.39 -3.54
N ASP A 165 42.16 -22.83 -2.29
CA ASP A 165 41.72 -24.18 -1.94
C ASP A 165 40.25 -24.22 -1.51
N PHE A 166 39.52 -25.17 -2.08
CA PHE A 166 38.12 -25.39 -1.70
C PHE A 166 38.03 -26.35 -0.51
N LEU A 167 37.35 -25.90 0.54
CA LEU A 167 37.17 -26.69 1.76
C LEU A 167 35.73 -26.60 2.24
N THR A 168 35.15 -27.75 2.58
CA THR A 168 33.89 -27.74 3.30
C THR A 168 34.20 -27.71 4.81
N CYS A 169 33.58 -26.79 5.55
CA CYS A 169 33.90 -26.55 6.94
CA CYS A 169 33.90 -26.69 6.96
C CYS A 169 32.67 -26.59 7.85
N SER A 170 32.89 -26.92 9.11
CA SER A 170 31.85 -26.94 10.12
C SER A 170 32.52 -26.78 11.47
N PRO A 171 31.72 -26.77 12.56
CA PRO A 171 32.30 -26.75 13.91
C PRO A 171 33.21 -27.93 14.18
N THR A 172 33.11 -28.99 13.38
CA THR A 172 33.92 -30.17 13.63
C THR A 172 34.72 -30.65 12.42
N GLN A 173 34.84 -29.81 11.39
CA GLN A 173 35.62 -30.18 10.21
C GLN A 173 36.26 -28.92 9.65
N ASN A 174 37.59 -28.88 9.58
CA ASN A 174 38.25 -27.61 9.21
C ASN A 174 37.69 -26.49 10.07
N SER A 175 37.58 -26.76 11.37
CA SER A 175 36.86 -25.85 12.25
C SER A 175 37.58 -24.52 12.46
N ASP A 176 38.90 -24.50 12.37
CA ASP A 176 39.58 -23.20 12.47
C ASP A 176 39.12 -22.26 11.34
N LEU A 177 39.00 -22.79 10.13
CA LEU A 177 38.54 -21.98 9.00
C LEU A 177 37.06 -21.60 9.15
N PHE A 178 36.26 -22.57 9.59
CA PHE A 178 34.83 -22.34 9.81
C PHE A 178 34.60 -21.13 10.72
N PHE A 179 35.15 -21.23 11.93
CA PHE A 179 34.99 -20.19 12.94
C PHE A 179 35.76 -18.92 12.61
N GLY A 180 36.87 -19.06 11.92
CA GLY A 180 37.64 -17.90 11.47
C GLY A 180 36.86 -17.08 10.45
N ALA A 181 36.24 -17.74 9.48
CA ALA A 181 35.50 -17.03 8.44
C ALA A 181 34.25 -16.33 9.00
N LEU A 182 33.61 -16.92 10.01
CA LEU A 182 32.46 -16.29 10.63
C LEU A 182 32.88 -15.04 11.40
N GLY A 183 32.44 -13.87 10.91
CA GLY A 183 32.83 -12.60 11.53
C GLY A 183 34.24 -12.20 11.10
N GLY A 184 34.83 -12.96 10.20
CA GLY A 184 36.23 -12.74 9.83
C GLY A 184 36.54 -11.74 8.73
N LEU A 185 35.57 -10.91 8.36
CA LEU A 185 35.84 -9.76 7.48
C LEU A 185 36.45 -10.16 6.13
N GLY A 186 36.10 -11.37 5.66
CA GLY A 186 36.53 -11.88 4.38
C GLY A 186 38.01 -12.25 4.31
N GLN A 187 38.70 -12.22 5.45
CA GLN A 187 40.16 -12.28 5.44
C GLN A 187 40.74 -13.66 5.15
N PHE A 188 39.93 -14.72 5.29
CA PHE A 188 40.49 -16.07 5.20
C PHE A 188 39.96 -16.89 4.03
N GLY A 189 39.01 -16.34 3.29
CA GLY A 189 38.46 -17.11 2.18
C GLY A 189 37.09 -16.61 1.78
N VAL A 190 36.61 -17.09 0.64
CA VAL A 190 35.32 -16.69 0.10
C VAL A 190 34.28 -17.74 0.43
N ILE A 191 33.21 -17.32 1.07
CA ILE A 191 32.12 -18.23 1.40
C ILE A 191 31.28 -18.49 0.15
N THR A 192 31.27 -19.73 -0.34
CA THR A 192 30.51 -19.99 -1.55
C THR A 192 29.19 -20.71 -1.27
N ARG A 193 29.08 -21.30 -0.08
CA ARG A 193 27.84 -21.96 0.35
C ARG A 193 27.74 -21.86 1.86
N ALA A 194 26.51 -21.73 2.37
CA ALA A 194 26.27 -21.88 3.80
C ALA A 194 25.10 -22.83 4.00
N ARG A 195 25.17 -23.65 5.04
CA ARG A 195 24.00 -24.43 5.45
C ARG A 195 23.45 -23.80 6.72
N ILE A 196 22.15 -23.47 6.71
CA ILE A 196 21.57 -22.72 7.82
C ILE A 196 20.29 -23.39 8.32
N PRO A 197 20.04 -23.29 9.63
CA PRO A 197 18.79 -23.86 10.15
C PRO A 197 17.57 -23.08 9.69
N LEU A 198 16.45 -23.79 9.58
CA LEU A 198 15.18 -23.18 9.25
C LEU A 198 14.15 -23.51 10.33
N GLU A 199 13.23 -22.58 10.57
CA GLU A 199 12.07 -22.79 11.42
C GLU A 199 10.77 -22.73 10.60
N PRO A 200 9.72 -23.40 11.09
CA PRO A 200 8.39 -23.18 10.51
C PRO A 200 8.09 -21.70 10.47
N ALA A 201 7.76 -21.18 9.30
CA ALA A 201 7.47 -19.76 9.17
C ALA A 201 6.15 -19.41 9.86
N PRO A 202 6.15 -18.38 10.71
CA PRO A 202 4.89 -17.88 11.25
C PRO A 202 3.98 -17.34 10.15
N ASP A 203 2.68 -17.45 10.33
CA ASP A 203 1.74 -16.82 9.40
C ASP A 203 1.82 -15.31 9.49
N MET A 204 1.85 -14.81 10.72
CA MET A 204 1.62 -13.38 10.95
C MET A 204 2.53 -12.84 12.02
N VAL A 205 2.56 -11.52 12.10
CA VAL A 205 3.28 -10.79 13.11
C VAL A 205 2.43 -9.66 13.66
N ARG A 206 2.41 -9.51 15.00
CA ARG A 206 1.90 -8.31 15.62
C ARG A 206 3.12 -7.43 15.90
N TRP A 207 3.18 -6.30 15.18
CA TRP A 207 4.30 -5.37 15.19
C TRP A 207 3.94 -4.17 16.07
N ILE A 208 4.78 -3.89 17.05
CA ILE A 208 4.46 -2.90 18.07
C ILE A 208 5.56 -1.87 18.20
N ARG A 209 5.19 -0.60 18.35
CA ARG A 209 6.14 0.44 18.74
C ARG A 209 5.63 1.24 19.93
N MET A 210 6.49 1.46 20.92
CA MET A 210 6.11 2.19 22.11
C MET A 210 7.13 3.29 22.38
N VAL A 211 6.66 4.49 22.70
CA VAL A 211 7.58 5.62 22.90
C VAL A 211 7.90 5.82 24.36
N TYR A 212 9.17 6.10 24.64
CA TYR A 212 9.67 6.35 25.99
C TYR A 212 10.26 7.76 26.08
N ALA A 213 9.99 8.45 27.19
CA ALA A 213 10.56 9.78 27.38
C ALA A 213 12.01 9.71 27.84
N GLU A 214 12.37 8.69 28.61
CA GLU A 214 13.70 8.68 29.21
C GLU A 214 14.46 7.40 28.91
N PHE A 215 15.77 7.52 28.72
CA PHE A 215 16.58 6.36 28.37
C PHE A 215 16.55 5.29 29.45
N GLU A 216 16.53 5.69 30.72
CA GLU A 216 16.58 4.71 31.81
C GLU A 216 15.38 3.75 31.72
N ASP A 217 14.19 4.30 31.51
CA ASP A 217 12.98 3.47 31.38
C ASP A 217 13.02 2.58 30.15
N PHE A 218 13.44 3.16 29.03
CA PHE A 218 13.53 2.42 27.77
C PHE A 218 14.48 1.23 27.88
N SER A 219 15.67 1.48 28.40
CA SER A 219 16.71 0.46 28.46
C SER A 219 16.36 -0.62 29.48
N ARG A 220 15.79 -0.22 30.62
CA ARG A 220 15.42 -1.20 31.63
C ARG A 220 14.34 -2.13 31.06
N ASP A 221 13.36 -1.56 30.39
CA ASP A 221 12.30 -2.39 29.81
C ASP A 221 12.80 -3.28 28.67
N ALA A 222 13.70 -2.75 27.85
CA ALA A 222 14.25 -3.54 26.74
C ALA A 222 15.03 -4.73 27.29
N GLU A 223 15.84 -4.49 28.31
CA GLU A 223 16.60 -5.56 28.95
C GLU A 223 15.68 -6.59 29.59
N TRP A 224 14.60 -6.12 30.21
CA TRP A 224 13.61 -7.03 30.78
C TRP A 224 13.05 -7.93 29.69
N LEU A 225 12.72 -7.35 28.53
CA LEU A 225 12.03 -8.13 27.51
C LEU A 225 12.95 -9.13 26.78
N VAL A 226 14.26 -8.89 26.77
CA VAL A 226 15.11 -9.88 26.10
C VAL A 226 15.58 -10.94 27.06
N THR A 227 15.20 -10.84 28.34
CA THR A 227 15.67 -11.83 29.30
C THR A 227 14.57 -12.72 29.86
N GLN A 228 13.43 -12.78 29.19
CA GLN A 228 12.32 -13.60 29.67
C GLN A 228 12.35 -14.99 29.03
N PRO A 229 11.65 -15.96 29.65
CA PRO A 229 11.56 -17.31 29.09
C PRO A 229 11.08 -17.27 27.67
N GLU A 230 11.66 -18.09 26.81
CA GLU A 230 11.26 -18.14 25.40
C GLU A 230 9.76 -18.30 25.25
N LYS A 231 9.18 -19.16 26.09
CA LYS A 231 7.74 -19.42 26.03
C LYS A 231 6.89 -18.21 26.38
N GLU A 232 7.48 -17.21 27.02
CA GLU A 232 6.76 -16.00 27.43
C GLU A 232 7.49 -14.75 27.01
N SER A 233 7.83 -14.65 25.72
CA SER A 233 8.64 -13.56 25.21
CA SER A 233 8.57 -13.51 25.24
CA SER A 233 8.57 -13.50 25.25
C SER A 233 8.16 -13.14 23.83
N PHE A 234 8.50 -11.92 23.44
CA PHE A 234 8.35 -11.49 22.06
C PHE A 234 9.34 -12.25 21.17
N ASP A 235 9.17 -12.13 19.86
CA ASP A 235 10.05 -12.82 18.92
C ASP A 235 11.00 -11.86 18.22
N TYR A 236 10.97 -10.61 18.62
CA TYR A 236 11.75 -9.55 18.01
C TYR A 236 11.79 -8.39 18.98
N VAL A 237 12.99 -7.89 19.27
CA VAL A 237 13.15 -6.70 20.08
C VAL A 237 14.23 -5.78 19.49
N GLU A 238 13.85 -4.56 19.16
CA GLU A 238 14.81 -3.53 18.78
C GLU A 238 14.39 -2.22 19.42
N GLY A 239 15.13 -1.16 19.14
CA GLY A 239 14.74 0.15 19.62
C GLY A 239 15.58 1.21 18.91
N PHE A 240 15.14 2.45 19.02
CA PHE A 240 15.89 3.54 18.40
C PHE A 240 15.59 4.85 19.10
N ALA A 241 16.57 5.74 19.10
CA ALA A 241 16.33 7.11 19.52
C ALA A 241 15.84 7.87 18.30
N PHE A 242 14.91 8.80 18.49
CA PHE A 242 14.46 9.65 17.40
C PHE A 242 14.37 11.07 17.92
N VAL A 243 14.31 12.04 17.01
CA VAL A 243 14.25 13.44 17.39
C VAL A 243 12.81 13.86 17.72
N ASN A 244 12.67 14.62 18.81
CA ASN A 244 11.37 15.17 19.21
C ASN A 244 11.02 16.37 18.34
N SER A 245 10.76 16.10 17.06
CA SER A 245 10.54 17.14 16.06
C SER A 245 9.55 16.62 15.01
N ASP A 246 9.20 17.48 14.06
CA ASP A 246 8.30 17.09 12.99
C ASP A 246 9.06 16.62 11.75
N SER A 247 10.35 16.34 11.91
CA SER A 247 11.15 15.95 10.75
C SER A 247 10.65 14.65 10.15
N PRO A 248 10.35 14.66 8.84
CA PRO A 248 9.91 13.41 8.20
C PRO A 248 11.02 12.36 8.17
N ALA A 249 12.27 12.78 8.19
CA ALA A 249 13.39 11.85 8.13
C ALA A 249 13.53 11.04 9.43
N ASP A 250 13.63 11.74 10.56
CA ASP A 250 13.99 11.09 11.82
C ASP A 250 13.26 11.65 13.05
N GLY A 251 12.16 12.35 12.81
CA GLY A 251 11.36 12.88 13.91
C GLY A 251 10.12 12.03 14.12
N TRP A 252 9.11 12.62 14.74
CA TRP A 252 7.87 11.91 15.03
C TRP A 252 7.22 11.23 13.81
N PRO A 253 7.30 11.84 12.62
CA PRO A 253 6.68 11.13 11.50
C PRO A 253 7.28 9.75 11.22
N SER A 254 8.49 9.50 11.69
CA SER A 254 9.16 8.23 11.40
C SER A 254 8.71 7.11 12.33
N VAL A 255 7.90 7.44 13.34
CA VAL A 255 7.61 6.50 14.42
C VAL A 255 6.37 5.63 14.21
N PRO A 256 5.20 6.23 13.89
CA PRO A 256 3.98 5.41 13.75
C PRO A 256 4.04 4.37 12.64
N LEU A 257 3.27 3.29 12.80
CA LEU A 257 3.36 2.16 11.88
C LEU A 257 2.44 2.27 10.68
N ASN A 258 1.45 3.16 10.74
CA ASN A 258 0.53 3.32 9.62
C ASN A 258 0.27 4.79 9.33
N PRO A 264 1.56 14.70 19.07
CA PRO A 264 2.50 14.27 20.10
C PRO A 264 2.47 15.18 21.33
N ILE A 265 3.14 14.77 22.40
CA ILE A 265 3.18 15.59 23.60
C ILE A 265 4.31 16.62 23.49
N HIS A 266 3.96 17.89 23.70
CA HIS A 266 4.90 18.99 23.54
C HIS A 266 5.79 19.14 24.77
N SER A 267 7.07 18.85 24.59
CA SER A 267 7.99 18.88 25.72
C SER A 267 9.37 19.30 25.25
N GLY A 268 10.21 19.67 26.20
CA GLY A 268 11.56 20.07 25.90
C GLY A 268 12.52 18.95 25.54
N HIS A 269 12.06 17.69 25.52
CA HIS A 269 12.96 16.60 25.14
C HIS A 269 13.59 16.89 23.78
N GLN A 270 14.88 16.62 23.66
CA GLN A 270 15.56 16.75 22.37
C GLN A 270 15.42 15.46 21.61
N LEU A 271 15.69 14.34 22.28
CA LEU A 271 15.44 13.03 21.73
C LEU A 271 14.42 12.28 22.57
N LEU A 272 13.73 11.34 21.92
CA LEU A 272 12.89 10.36 22.60
C LEU A 272 13.33 8.96 22.15
N TYR A 273 12.78 7.93 22.80
CA TYR A 273 13.18 6.57 22.46
C TYR A 273 11.97 5.73 22.10
N CYS A 274 12.18 4.78 21.21
CA CYS A 274 11.09 3.93 20.73
C CYS A 274 11.49 2.47 20.91
N LEU A 275 10.68 1.72 21.66
CA LEU A 275 10.92 0.30 21.83
C LEU A 275 10.08 -0.44 20.77
N GLU A 276 10.70 -1.35 20.01
CA GLU A 276 10.02 -1.96 18.87
C GLU A 276 10.00 -3.46 19.08
N LEU A 277 8.80 -4.03 19.06
CA LEU A 277 8.59 -5.41 19.47
C LEU A 277 7.81 -6.12 18.39
N ALA A 278 7.96 -7.43 18.26
CA ALA A 278 7.06 -8.15 17.38
C ALA A 278 6.76 -9.52 17.93
N LEU A 279 5.52 -9.95 17.75
CA LEU A 279 5.08 -11.24 18.26
C LEU A 279 4.62 -12.06 17.07
N HIS A 280 5.23 -13.23 16.87
CA HIS A 280 4.78 -14.15 15.83
C HIS A 280 3.43 -14.74 16.23
N PHE A 281 2.52 -14.94 15.28
CA PHE A 281 1.33 -15.73 15.58
C PHE A 281 0.82 -16.38 14.31
N ASN A 282 -0.07 -17.34 14.47
CA ASN A 282 -0.58 -18.07 13.32
C ASN A 282 -2.04 -17.73 13.11
N HIS A 283 -2.58 -18.09 11.96
CA HIS A 283 -4.00 -17.87 11.72
C HIS A 283 -4.90 -18.66 12.67
N SER A 284 -4.34 -19.68 13.32
CA SER A 284 -5.09 -20.44 14.31
C SER A 284 -5.31 -19.63 15.59
N ASN A 285 -4.75 -18.43 15.64
CA ASN A 285 -4.88 -17.56 16.81
C ASN A 285 -5.84 -16.41 16.55
N SER A 286 -6.83 -16.24 17.42
CA SER A 286 -7.74 -15.12 17.29
C SER A 286 -7.05 -13.82 17.64
N SER A 287 -7.59 -12.71 17.17
CA SER A 287 -7.05 -11.41 17.52
C SER A 287 -7.09 -11.21 19.03
N SER A 288 -8.16 -11.68 19.66
CA SER A 288 -8.33 -11.60 21.12
C SER A 288 -7.25 -12.39 21.85
N THR A 289 -6.86 -13.54 21.30
CA THR A 289 -5.82 -14.35 21.89
C THR A 289 -4.48 -13.63 21.84
N VAL A 290 -4.14 -13.09 20.67
CA VAL A 290 -2.91 -12.33 20.52
C VAL A 290 -2.93 -11.12 21.46
N ASP A 291 -4.09 -10.48 21.58
CA ASP A 291 -4.24 -9.34 22.48
C ASP A 291 -3.88 -9.72 23.93
N SER A 292 -4.42 -10.86 24.35
CA SER A 292 -4.22 -11.35 25.72
C SER A 292 -2.75 -11.62 26.02
N VAL A 293 -2.08 -12.25 25.06
CA VAL A 293 -0.64 -12.49 25.16
C VAL A 293 0.14 -11.18 25.25
N VAL A 294 -0.13 -10.25 24.34
CA VAL A 294 0.61 -9.00 24.35
C VAL A 294 0.39 -8.27 25.67
N LYS A 295 -0.85 -8.30 26.15
CA LYS A 295 -1.18 -7.57 27.36
C LYS A 295 -0.38 -8.10 28.54
N ARG A 296 -0.21 -9.42 28.61
CA ARG A 296 0.59 -10.05 29.67
C ARG A 296 2.06 -9.68 29.55
N LEU A 297 2.57 -9.70 28.32
CA LEU A 297 3.99 -9.45 28.06
C LEU A 297 4.38 -8.01 28.36
N ILE A 298 3.47 -7.06 28.18
CA ILE A 298 3.85 -5.67 28.39
C ILE A 298 3.35 -5.11 29.71
N GLY A 299 2.82 -5.96 30.58
CA GLY A 299 2.43 -5.51 31.89
C GLY A 299 3.59 -4.87 32.62
N GLY A 300 3.36 -3.69 33.19
CA GLY A 300 4.40 -3.04 33.97
C GLY A 300 5.38 -2.18 33.19
N LEU A 301 5.37 -2.25 31.86
CA LEU A 301 6.31 -1.44 31.06
C LEU A 301 5.95 0.04 31.18
N ARG A 302 6.98 0.89 31.12
CA ARG A 302 6.77 2.31 31.45
C ARG A 302 6.80 3.21 30.21
N TYR A 303 6.27 2.70 29.10
CA TYR A 303 6.15 3.52 27.92
C TYR A 303 5.08 4.58 28.15
N MET A 304 5.17 5.67 27.39
CA MET A 304 4.20 6.75 27.51
C MET A 304 2.83 6.31 27.05
N LYS A 305 1.84 6.32 27.94
CA LYS A 305 0.48 5.95 27.55
C LYS A 305 -0.01 6.81 26.40
N GLY A 306 -0.73 6.19 25.47
CA GLY A 306 -1.22 6.89 24.30
C GLY A 306 -0.27 6.87 23.11
N PHE A 307 0.95 6.38 23.31
CA PHE A 307 1.94 6.31 22.23
C PHE A 307 2.44 4.87 22.05
N LYS A 308 1.46 3.98 21.95
CA LYS A 308 1.74 2.61 21.57
C LYS A 308 1.07 2.37 20.22
N TYR A 309 1.87 2.00 19.23
CA TYR A 309 1.35 1.74 17.89
C TYR A 309 1.42 0.24 17.59
N GLU A 310 0.38 -0.31 16.97
CA GLU A 310 0.35 -1.74 16.66
C GLU A 310 -0.27 -2.00 15.30
N VAL A 311 0.33 -2.90 14.54
CA VAL A 311 -0.31 -3.38 13.33
C VAL A 311 -0.10 -4.88 13.18
N ASP A 312 -1.01 -5.56 12.48
CA ASP A 312 -0.81 -6.96 12.13
C ASP A 312 -0.44 -7.05 10.67
N LEU A 313 0.57 -7.85 10.35
CA LEU A 313 0.91 -8.05 8.96
C LEU A 313 1.52 -9.44 8.83
N SER A 314 1.64 -9.92 7.59
CA SER A 314 2.18 -11.25 7.35
C SER A 314 3.64 -11.29 7.77
N TYR A 315 4.12 -12.49 8.05
CA TYR A 315 5.50 -12.66 8.46
C TYR A 315 6.44 -12.12 7.39
N VAL A 316 6.16 -12.45 6.14
CA VAL A 316 7.02 -12.03 5.03
C VAL A 316 7.02 -10.50 4.94
N GLU A 317 5.85 -9.88 5.08
CA GLU A 317 5.81 -8.41 5.05
C GLU A 317 6.59 -7.81 6.21
N PHE A 318 6.54 -8.43 7.38
CA PHE A 318 7.31 -7.88 8.49
C PHE A 318 8.83 -8.01 8.23
N VAL A 319 9.28 -9.18 7.80
CA VAL A 319 10.71 -9.36 7.58
C VAL A 319 11.19 -8.42 6.46
N MET A 320 10.29 -8.15 5.51
CA MET A 320 10.56 -7.27 4.37
C MET A 320 10.23 -5.80 4.61
N ARG A 321 10.00 -5.42 5.86
CA ARG A 321 9.42 -4.10 6.17
C ARG A 321 10.28 -2.93 5.68
N VAL A 322 11.58 -3.12 5.52
CA VAL A 322 12.45 -2.00 5.18
C VAL A 322 12.42 -1.74 3.65
N LYS A 323 11.77 -2.62 2.89
CA LYS A 323 11.67 -2.42 1.45
C LYS A 323 10.99 -1.08 1.14
N ARG A 324 10.01 -0.70 1.95
CA ARG A 324 9.32 0.58 1.77
C ARG A 324 10.30 1.74 1.93
N VAL A 325 11.22 1.61 2.88
CA VAL A 325 12.20 2.67 3.11
C VAL A 325 13.12 2.83 1.90
N GLU A 326 13.57 1.72 1.32
CA GLU A 326 14.40 1.80 0.11
C GLU A 326 13.64 2.44 -1.05
N GLU A 327 12.38 2.07 -1.22
CA GLU A 327 11.58 2.61 -2.33
C GLU A 327 11.47 4.13 -2.20
N ASP A 328 11.24 4.57 -0.97
CA ASP A 328 11.14 5.99 -0.66
C ASP A 328 12.45 6.71 -1.03
N ALA A 329 13.56 6.24 -0.46
CA ALA A 329 14.87 6.83 -0.73
C ALA A 329 15.16 6.89 -2.23
N ARG A 330 14.90 5.80 -2.93
CA ARG A 330 15.20 5.74 -4.36
C ARG A 330 14.38 6.77 -5.14
N ALA A 331 13.13 6.97 -4.72
CA ALA A 331 12.24 7.91 -5.40
C ALA A 331 12.72 9.35 -5.18
N HIS A 332 13.48 9.56 -4.12
CA HIS A 332 14.03 10.87 -3.79
C HIS A 332 15.49 11.01 -4.20
N GLY A 333 15.97 10.08 -5.01
CA GLY A 333 17.36 10.07 -5.46
C GLY A 333 18.37 10.08 -4.31
N MET A 334 18.00 9.44 -3.21
CA MET A 334 18.81 9.46 -1.99
C MET A 334 19.48 8.11 -1.73
N TRP A 335 19.30 7.16 -2.63
CA TRP A 335 19.87 5.83 -2.42
C TRP A 335 21.28 5.76 -2.96
N ASP A 336 21.47 6.30 -4.15
CA ASP A 336 22.78 6.35 -4.78
C ASP A 336 23.47 7.64 -4.37
N ALA A 337 23.69 7.76 -3.07
CA ALA A 337 24.24 8.93 -2.43
C ALA A 337 25.07 8.45 -1.25
N PRO A 338 25.86 9.34 -0.63
CA PRO A 338 26.69 8.89 0.50
C PRO A 338 25.89 8.47 1.72
N HIS A 339 26.42 7.50 2.47
CA HIS A 339 25.83 7.05 3.73
C HIS A 339 26.93 6.72 4.71
N PRO A 340 27.51 7.73 5.35
CA PRO A 340 28.63 7.45 6.24
C PRO A 340 28.16 6.92 7.59
N TRP A 341 27.60 5.71 7.59
CA TRP A 341 27.02 5.11 8.77
C TRP A 341 28.06 4.65 9.79
N LEU A 342 27.69 4.65 11.07
CA LEU A 342 28.59 4.20 12.12
C LEU A 342 27.85 3.17 12.96
N ASN A 343 28.48 2.02 13.16
CA ASN A 343 27.89 0.91 13.89
C ASN A 343 28.80 0.47 15.03
N LEU A 344 28.24 0.22 16.21
CA LEU A 344 29.11 -0.24 17.29
C LEU A 344 28.41 -1.02 18.37
N PHE A 345 29.19 -1.84 19.06
CA PHE A 345 28.74 -2.61 20.20
C PHE A 345 29.19 -1.88 21.46
N VAL A 346 28.29 -1.75 22.41
CA VAL A 346 28.61 -1.10 23.68
C VAL A 346 28.24 -1.99 24.86
N SER A 347 29.13 -2.08 25.85
CA SER A 347 28.86 -2.89 27.04
C SER A 347 27.69 -2.34 27.83
N LYS A 348 26.95 -3.22 28.50
CA LYS A 348 25.85 -2.80 29.36
C LYS A 348 26.33 -1.79 30.40
N ALA A 349 27.53 -2.03 30.93
CA ALA A 349 28.06 -1.17 31.98
C ALA A 349 28.18 0.29 31.56
N ASP A 350 28.37 0.53 30.27
CA ASP A 350 28.65 1.86 29.74
C ASP A 350 27.55 2.49 28.85
N ILE A 351 26.45 1.78 28.66
CA ILE A 351 25.47 2.26 27.70
C ILE A 351 24.77 3.53 28.19
N ALA A 352 24.54 3.67 29.49
CA ALA A 352 23.93 4.92 29.99
C ALA A 352 24.85 6.12 29.75
N GLU A 353 26.16 5.95 29.92
CA GLU A 353 27.09 7.05 29.66
C GLU A 353 27.19 7.32 28.16
N PHE A 354 27.14 6.26 27.36
CA PHE A 354 27.10 6.43 25.91
C PHE A 354 25.87 7.26 25.52
N ASP A 355 24.72 6.93 26.09
CA ASP A 355 23.51 7.72 25.84
C ASP A 355 23.69 9.17 26.23
N ARG A 356 24.27 9.41 27.41
CA ARG A 356 24.46 10.77 27.90
C ARG A 356 25.45 11.55 27.03
N LEU A 357 26.58 10.92 26.72
CA LEU A 357 27.65 11.63 26.04
C LEU A 357 27.40 11.76 24.55
N ILE A 358 26.86 10.71 23.93
CA ILE A 358 26.79 10.66 22.47
C ILE A 358 25.39 11.01 21.97
N PHE A 359 24.36 10.32 22.44
CA PHE A 359 22.99 10.63 21.98
C PHE A 359 22.57 12.02 22.44
N LYS A 360 22.57 12.24 23.76
CA LYS A 360 22.20 13.54 24.31
C LYS A 360 23.24 14.63 24.03
N GLY A 361 24.51 14.28 24.15
CA GLY A 361 25.56 15.26 24.02
C GLY A 361 25.86 15.71 22.60
N LEU A 362 26.10 14.76 21.71
CA LEU A 362 26.53 15.08 20.35
C LEU A 362 25.38 15.00 19.34
N LEU A 363 24.43 14.10 19.56
CA LEU A 363 23.46 13.80 18.51
C LEU A 363 22.04 14.23 18.86
N HIS A 364 21.91 15.24 19.71
CA HIS A 364 20.58 15.61 20.20
C HIS A 364 19.68 16.19 19.11
N ASP A 365 20.25 16.48 17.94
CA ASP A 365 19.45 16.95 16.80
C ASP A 365 19.33 15.87 15.71
N GLY A 366 19.85 14.69 16.01
CA GLY A 366 19.69 13.54 15.16
C GLY A 366 20.71 13.47 14.04
N VAL A 367 20.69 12.39 13.26
CA VAL A 367 21.64 12.26 12.17
C VAL A 367 20.95 12.14 10.82
N GLY A 368 19.63 12.27 10.80
CA GLY A 368 18.86 12.27 9.56
C GLY A 368 18.22 10.94 9.24
N GLY A 369 18.55 9.93 10.03
CA GLY A 369 17.98 8.60 9.89
C GLY A 369 17.92 7.92 11.25
N PRO A 370 17.54 6.64 11.26
CA PRO A 370 17.39 5.89 12.51
C PRO A 370 18.66 5.88 13.34
N MET A 371 18.51 6.05 14.65
CA MET A 371 19.63 5.82 15.55
C MET A 371 19.28 4.61 16.39
N LEU A 372 19.63 3.44 15.91
CA LEU A 372 19.24 2.21 16.59
C LEU A 372 20.03 2.01 17.87
N VAL A 373 19.37 1.47 18.88
CA VAL A 373 20.05 1.09 20.11
C VAL A 373 19.23 0.02 20.79
N TYR A 374 19.79 -1.16 20.97
CA TYR A 374 19.02 -2.16 21.67
C TYR A 374 19.90 -3.26 22.22
N PRO A 375 19.39 -3.96 23.24
CA PRO A 375 20.19 -4.98 23.94
C PRO A 375 20.25 -6.32 23.22
N LEU A 376 21.36 -7.00 23.47
CA LEU A 376 21.67 -8.33 22.94
C LEU A 376 22.13 -9.21 24.10
N LEU A 377 22.18 -10.53 23.87
CA LEU A 377 22.63 -11.48 24.89
C LEU A 377 23.94 -12.15 24.45
N ARG A 378 25.00 -11.99 25.24
CA ARG A 378 26.32 -12.50 24.88
C ARG A 378 26.35 -14.01 24.67
N SER A 379 25.51 -14.73 25.39
CA SER A 379 25.53 -16.19 25.33
C SER A 379 25.20 -16.74 23.92
N LYS A 380 24.59 -15.92 23.08
CA LYS A 380 24.18 -16.34 21.75
C LYS A 380 25.25 -16.06 20.69
N TRP A 381 26.32 -15.38 21.11
CA TRP A 381 27.42 -15.01 20.22
C TRP A 381 28.61 -15.93 20.44
N ASP A 382 28.84 -16.82 19.49
CA ASP A 382 29.85 -17.86 19.64
C ASP A 382 31.24 -17.28 19.89
N SER A 383 31.82 -17.61 21.04
CA SER A 383 33.14 -17.08 21.40
C SER A 383 34.25 -17.59 20.47
N ARG A 384 33.98 -18.66 19.73
CA ARG A 384 34.98 -19.28 18.86
C ARG A 384 35.17 -18.52 17.55
N SER A 385 34.18 -17.69 17.20
CA SER A 385 34.16 -16.97 15.92
C SER A 385 35.13 -15.78 15.93
N SER A 386 35.29 -15.11 14.79
CA SER A 386 36.18 -13.95 14.71
C SER A 386 35.53 -12.66 15.19
N VAL A 387 34.23 -12.69 15.49
CA VAL A 387 33.54 -11.49 15.96
C VAL A 387 34.22 -10.89 17.20
N VAL A 388 34.35 -9.57 17.21
CA VAL A 388 34.95 -8.88 18.33
C VAL A 388 33.90 -8.10 19.11
N LEU A 389 33.67 -8.48 20.36
CA LEU A 389 32.73 -7.76 21.22
C LEU A 389 33.47 -7.02 22.32
N PRO A 390 32.85 -5.98 22.89
CA PRO A 390 33.55 -5.28 23.98
C PRO A 390 33.66 -6.16 25.21
N GLU A 391 34.71 -5.92 26.01
CA GLU A 391 34.93 -6.72 27.20
C GLU A 391 33.83 -6.49 28.22
N GLY A 392 33.68 -7.45 29.12
CA GLY A 392 32.63 -7.42 30.10
C GLY A 392 31.99 -8.80 30.14
N GLU A 393 31.47 -9.19 31.29
CA GLU A 393 30.70 -10.40 31.32
C GLU A 393 29.34 -10.16 31.99
N ASP A 394 28.72 -9.04 31.63
CA ASP A 394 27.27 -8.96 31.76
C ASP A 394 26.75 -9.73 30.56
N GLU A 395 25.75 -10.56 30.78
CA GLU A 395 25.09 -11.26 29.68
C GLU A 395 24.52 -10.24 28.68
N ILE A 396 24.06 -9.10 29.17
CA ILE A 396 23.54 -8.07 28.27
C ILE A 396 24.65 -7.17 27.69
N PHE A 397 24.57 -6.91 26.39
CA PHE A 397 25.31 -5.80 25.80
C PHE A 397 24.42 -5.12 24.75
N TYR A 398 24.91 -4.05 24.13
CA TYR A 398 24.08 -3.29 23.19
C TYR A 398 24.72 -3.18 21.83
N ILE A 399 23.86 -3.09 20.82
CA ILE A 399 24.28 -2.63 19.50
C ILE A 399 23.68 -1.24 19.24
N VAL A 400 24.47 -0.38 18.62
CA VAL A 400 24.09 0.98 18.25
C VAL A 400 24.37 1.18 16.78
N ALA A 401 23.42 1.74 16.02
CA ALA A 401 23.68 2.06 14.62
C ALA A 401 23.23 3.47 14.32
N LEU A 402 24.14 4.29 13.78
CA LEU A 402 23.83 5.68 13.44
C LEU A 402 23.68 5.76 11.93
N LEU A 403 22.43 5.72 11.47
CA LEU A 403 22.15 5.63 10.05
C LEU A 403 21.96 7.02 9.45
N ARG A 404 23.06 7.75 9.33
CA ARG A 404 23.05 9.09 8.77
C ARG A 404 22.36 9.17 7.42
N SER A 405 21.57 10.21 7.23
CA SER A 405 20.96 10.51 5.94
C SER A 405 20.96 12.01 5.75
N ASN A 406 21.57 12.46 4.66
CA ASN A 406 21.65 13.88 4.34
C ASN A 406 21.54 14.07 2.85
N PRO A 407 21.00 15.22 2.43
CA PRO A 407 21.09 15.53 1.00
C PRO A 407 22.56 15.69 0.62
N PRO A 408 22.97 15.20 -0.55
CA PRO A 408 24.39 15.30 -0.93
C PRO A 408 24.88 16.76 -0.92
N TYR A 409 26.17 16.93 -0.71
CA TYR A 409 26.82 18.23 -0.76
C TYR A 409 26.59 18.88 -2.13
N PRO A 410 26.42 20.21 -2.18
CA PRO A 410 26.53 21.15 -1.06
C PRO A 410 25.21 21.45 -0.33
N LYS A 411 24.14 20.76 -0.69
CA LYS A 411 22.88 20.93 0.02
C LYS A 411 23.02 20.44 1.47
N GLY A 412 23.67 19.29 1.63
CA GLY A 412 24.00 18.80 2.96
C GLY A 412 25.48 18.92 3.21
N PRO A 413 25.94 18.41 4.36
CA PRO A 413 27.38 18.47 4.66
C PRO A 413 28.19 17.54 3.76
N SER A 414 29.48 17.85 3.62
CA SER A 414 30.38 17.02 2.84
C SER A 414 30.63 15.69 3.51
N VAL A 415 31.09 14.70 2.75
CA VAL A 415 31.48 13.42 3.32
C VAL A 415 32.63 13.59 4.32
N ASP A 416 33.61 14.44 4.00
CA ASP A 416 34.69 14.71 4.94
C ASP A 416 34.14 15.17 6.28
N LYS A 417 33.20 16.11 6.24
CA LYS A 417 32.58 16.62 7.45
C LYS A 417 31.92 15.50 8.26
N LEU A 418 31.11 14.67 7.60
CA LEU A 418 30.38 13.62 8.29
C LEU A 418 31.31 12.57 8.90
N VAL A 419 32.32 12.16 8.13
CA VAL A 419 33.32 11.24 8.64
C VAL A 419 34.03 11.84 9.85
N SER A 420 34.29 13.14 9.79
CA SER A 420 34.92 13.85 10.89
C SER A 420 34.06 13.76 12.14
N GLN A 421 32.75 13.90 11.94
CA GLN A 421 31.80 13.79 13.04
C GLN A 421 31.78 12.38 13.62
N ASN A 422 31.84 11.37 12.75
CA ASN A 422 31.98 9.99 13.22
C ASN A 422 33.26 9.78 14.03
N ASP A 423 34.36 10.37 13.55
CA ASP A 423 35.63 10.25 14.27
C ASP A 423 35.53 10.85 15.65
N LYS A 424 34.82 11.98 15.75
CA LYS A 424 34.63 12.67 17.02
C LYS A 424 33.82 11.82 18.01
N ILE A 425 32.82 11.09 17.51
CA ILE A 425 32.06 10.19 18.35
C ILE A 425 32.97 9.11 18.93
N ILE A 426 33.79 8.51 18.07
CA ILE A 426 34.67 7.43 18.50
C ILE A 426 35.72 7.96 19.46
N GLN A 427 36.27 9.13 19.14
CA GLN A 427 37.23 9.81 20.01
C GLN A 427 36.67 10.03 21.41
N SER A 428 35.42 10.48 21.48
CA SER A 428 34.78 10.76 22.75
C SER A 428 34.62 9.49 23.58
N CYS A 429 34.24 8.41 22.92
CA CYS A 429 34.10 7.12 23.60
C CYS A 429 35.45 6.67 24.15
N ILE A 430 36.46 6.73 23.31
CA ILE A 430 37.81 6.36 23.72
C ILE A 430 38.28 7.21 24.90
N GLN A 431 38.17 8.52 24.77
CA GLN A 431 38.62 9.42 25.83
C GLN A 431 37.86 9.13 27.14
N HIS A 432 36.63 8.63 27.05
CA HIS A 432 35.85 8.32 28.25
C HIS A 432 36.15 6.91 28.78
N GLY A 433 36.95 6.16 28.03
CA GLY A 433 37.25 4.78 28.41
C GLY A 433 36.05 3.86 28.31
N LEU A 434 35.09 4.20 27.45
CA LEU A 434 33.88 3.38 27.30
C LEU A 434 34.18 2.02 26.69
N GLY A 435 33.52 0.97 27.17
CA GLY A 435 33.65 -0.35 26.59
C GLY A 435 32.85 -0.49 25.32
N PHE A 436 33.51 -0.33 24.17
CA PHE A 436 32.84 -0.46 22.88
C PHE A 436 33.76 -1.10 21.86
N LYS A 437 33.17 -1.67 20.81
CA LYS A 437 33.91 -2.10 19.64
C LYS A 437 33.11 -1.72 18.43
N LEU A 438 33.78 -1.27 17.37
CA LEU A 438 33.03 -1.04 16.14
C LEU A 438 32.50 -2.37 15.57
N TYR A 439 31.26 -2.33 15.08
CA TYR A 439 30.71 -3.38 14.21
C TYR A 439 30.91 -2.90 12.77
N LEU A 440 31.26 -3.81 11.87
CA LEU A 440 31.71 -3.39 10.53
C LEU A 440 32.90 -2.43 10.67
N PRO A 441 33.91 -2.82 11.47
CA PRO A 441 35.03 -1.94 11.83
C PRO A 441 35.81 -1.44 10.62
N HIS A 442 36.30 -0.22 10.73
CA HIS A 442 37.16 0.32 9.69
C HIS A 442 38.26 1.11 10.33
N TYR A 443 39.50 0.67 10.09
CA TYR A 443 40.68 1.41 10.53
C TYR A 443 41.69 1.44 9.40
N GLN A 444 42.66 2.34 9.50
CA GLN A 444 43.66 2.48 8.44
C GLN A 444 45.02 1.92 8.85
N SER A 445 45.38 2.09 10.12
CA SER A 445 46.67 1.59 10.58
C SER A 445 46.51 0.22 11.21
N GLN A 446 47.51 -0.64 11.05
CA GLN A 446 47.39 -1.94 11.67
C GLN A 446 47.43 -1.78 13.20
N HIS A 447 48.07 -0.71 13.66
CA HIS A 447 48.11 -0.44 15.09
C HIS A 447 46.70 -0.30 15.66
N ASP A 448 45.85 0.45 14.96
CA ASP A 448 44.45 0.60 15.38
C ASP A 448 43.69 -0.71 15.27
N TRP A 449 43.99 -1.50 14.25
CA TRP A 449 43.38 -2.82 14.15
C TRP A 449 43.78 -3.72 15.32
N ARG A 450 45.03 -3.66 15.75
CA ARG A 450 45.44 -4.49 16.88
C ARG A 450 44.73 -4.06 18.15
N ARG A 451 44.44 -2.76 18.28
CA ARG A 451 43.68 -2.26 19.43
C ARG A 451 42.26 -2.80 19.41
N HIS A 452 41.69 -2.86 18.22
CA HIS A 452 40.33 -3.39 18.03
C HIS A 452 40.27 -4.87 18.41
N PHE A 453 41.21 -5.66 17.89
CA PHE A 453 41.18 -7.11 18.15
C PHE A 453 41.63 -7.47 19.56
N GLY A 454 42.44 -6.63 20.18
CA GLY A 454 42.92 -6.90 21.53
C GLY A 454 43.61 -8.25 21.60
N ASP A 455 43.27 -9.06 22.61
CA ASP A 455 43.96 -10.33 22.77
C ASP A 455 43.55 -11.37 21.72
N GLN A 456 42.58 -11.02 20.86
CA GLN A 456 42.22 -11.89 19.74
C GLN A 456 43.14 -11.68 18.52
N TRP A 457 44.11 -10.77 18.60
CA TRP A 457 44.91 -10.43 17.42
C TRP A 457 45.80 -11.59 16.97
N SER A 458 46.51 -12.20 17.91
CA SER A 458 47.44 -13.28 17.57
C SER A 458 46.74 -14.37 16.80
N LYS A 459 45.57 -14.77 17.27
CA LYS A 459 44.79 -15.80 16.58
C LYS A 459 44.40 -15.35 15.17
N PHE A 460 44.01 -14.09 15.04
CA PHE A 460 43.59 -13.57 13.75
C PHE A 460 44.73 -13.65 12.75
N VAL A 461 45.94 -13.25 13.16
CA VAL A 461 47.07 -13.28 12.23
C VAL A 461 47.45 -14.72 11.91
N GLN A 462 47.36 -15.60 12.90
CA GLN A 462 47.64 -17.01 12.67
C GLN A 462 46.72 -17.59 11.60
N LEU A 463 45.46 -17.22 11.65
CA LEU A 463 44.50 -17.66 10.63
C LEU A 463 44.85 -17.07 9.27
N LYS A 464 45.25 -15.79 9.26
CA LYS A 464 45.68 -15.14 8.02
C LYS A 464 46.86 -15.89 7.42
N LEU A 465 47.83 -16.24 8.26
CA LEU A 465 49.02 -16.96 7.75
C LEU A 465 48.66 -18.35 7.23
N ALA A 466 47.65 -18.97 7.83
CA ALA A 466 47.25 -20.31 7.42
C ALA A 466 46.46 -20.32 6.11
N PHE A 467 45.61 -19.31 5.92
CA PHE A 467 44.62 -19.33 4.86
C PHE A 467 44.76 -18.26 3.78
N ASP A 468 45.44 -17.16 4.09
CA ASP A 468 45.70 -16.13 3.06
C ASP A 468 47.02 -15.41 3.38
N PRO A 469 48.12 -16.16 3.44
CA PRO A 469 49.42 -15.63 3.85
C PRO A 469 49.93 -14.47 3.00
N MET A 470 49.57 -14.43 1.73
CA MET A 470 50.01 -13.35 0.86
C MET A 470 49.09 -12.13 0.94
N ALA A 471 48.02 -12.25 1.73
CA ALA A 471 46.99 -11.21 1.85
C ALA A 471 46.43 -10.80 0.48
N VAL A 472 45.95 -11.79 -0.25
CA VAL A 472 45.31 -11.59 -1.53
C VAL A 472 43.89 -11.06 -1.34
N LEU A 473 43.26 -11.46 -0.25
CA LEU A 473 41.80 -11.38 -0.16
C LEU A 473 41.30 -10.22 0.72
N ALA A 474 40.24 -9.57 0.26
CA ALA A 474 39.57 -8.49 0.99
C ALA A 474 40.54 -7.38 1.45
N PRO A 475 41.31 -6.85 0.50
CA PRO A 475 42.29 -5.80 0.82
C PRO A 475 41.60 -4.54 1.36
N GLY A 476 40.33 -4.37 1.02
CA GLY A 476 39.61 -3.16 1.37
C GLY A 476 39.32 -3.05 2.87
N GLN A 477 39.50 -4.13 3.61
CA GLN A 477 39.35 -4.06 5.06
C GLN A 477 40.52 -3.28 5.65
N LYS A 478 41.60 -3.19 4.89
CA LYS A 478 42.83 -2.48 5.28
C LYS A 478 43.50 -3.03 6.55
N ILE A 479 43.33 -4.32 6.81
CA ILE A 479 43.99 -4.94 7.95
C ILE A 479 45.40 -5.42 7.59
N PHE A 480 45.52 -6.07 6.43
CA PHE A 480 46.80 -6.58 5.96
C PHE A 480 47.10 -6.02 4.57
N THR A 481 48.36 -5.81 4.25
CA THR A 481 48.71 -5.40 2.91
C THR A 481 49.23 -6.58 2.10
N ARG A 482 48.96 -6.55 0.80
CA ARG A 482 49.41 -7.58 -0.12
C ARG A 482 50.92 -7.76 -0.08
N ARG A 483 51.38 -8.97 0.19
CA ARG A 483 52.80 -9.31 0.09
C ARG A 483 53.19 -9.57 -1.37
N THR A 484 54.42 -9.23 -1.75
CA THR A 484 54.80 -9.34 -3.15
C THR A 484 55.42 -10.69 -3.53
N LYS A 485 55.03 -11.17 -4.71
CA LYS A 485 55.65 -12.31 -5.37
C LYS A 485 55.20 -13.65 -4.79
N SER B 1 -27.12 37.35 -25.58
CA SER B 1 -26.37 37.42 -26.84
C SER B 1 -25.17 36.48 -26.82
N LEU B 2 -25.20 35.46 -27.67
CA LEU B 2 -24.17 34.41 -27.64
C LEU B 2 -22.98 34.75 -28.56
N ASP B 3 -21.81 34.91 -27.94
CA ASP B 3 -20.59 35.34 -28.62
C ASP B 3 -19.48 34.32 -28.33
N LEU B 4 -19.06 33.58 -29.36
CA LEU B 4 -18.15 32.46 -29.21
C LEU B 4 -16.91 32.58 -30.09
N GLN B 5 -15.80 32.04 -29.60
CA GLN B 5 -14.55 32.00 -30.34
C GLN B 5 -13.98 30.59 -30.31
N GLY B 6 -13.00 30.31 -31.15
CA GLY B 6 -12.36 29.02 -31.14
C GLY B 6 -11.72 28.73 -29.80
N SER B 7 -11.94 27.53 -29.28
CA SER B 7 -11.33 27.12 -28.02
C SER B 7 -9.80 27.11 -28.16
N ILE B 8 -9.14 27.97 -27.39
CA ILE B 8 -7.68 28.10 -27.51
C ILE B 8 -6.96 27.35 -26.40
N ASP B 9 -7.60 27.27 -25.24
CA ASP B 9 -6.95 26.82 -24.03
C ASP B 9 -7.08 25.33 -23.75
N TYR B 10 -8.04 24.67 -24.40
CA TYR B 10 -8.51 23.37 -23.93
C TYR B 10 -7.93 22.15 -24.65
N SER B 11 -7.86 21.05 -23.91
CA SER B 11 -7.48 19.76 -24.46
C SER B 11 -8.62 19.15 -25.28
N THR B 12 -8.26 18.36 -26.30
CA THR B 12 -9.24 17.70 -27.14
C THR B 12 -10.16 16.84 -26.30
N LEU B 13 -11.45 16.88 -26.62
CA LEU B 13 -12.46 16.15 -25.87
C LEU B 13 -13.35 15.42 -26.87
N ALA B 14 -13.52 14.11 -26.70
CA ALA B 14 -14.36 13.35 -27.63
C ALA B 14 -15.82 13.45 -27.19
N ALA B 15 -16.50 14.50 -27.63
CA ALA B 15 -17.83 14.79 -27.13
C ALA B 15 -18.89 13.86 -27.72
N GLY B 16 -18.49 13.01 -28.67
CA GLY B 16 -19.42 12.06 -29.25
C GLY B 16 -19.21 10.64 -28.75
N LYS B 17 -18.45 10.49 -27.67
CA LYS B 17 -18.19 9.19 -27.08
C LYS B 17 -18.42 9.23 -25.57
N ASP B 18 -18.59 8.07 -24.97
CA ASP B 18 -18.62 8.04 -23.50
C ASP B 18 -17.98 6.74 -23.00
N PHE B 19 -17.95 6.59 -21.68
CA PHE B 19 -17.31 5.44 -21.03
C PHE B 19 -17.93 4.09 -21.48
N GLY B 20 -19.24 4.09 -21.70
CA GLY B 20 -19.92 2.88 -22.14
C GLY B 20 -19.44 2.32 -23.47
N GLY B 21 -19.18 3.22 -24.41
CA GLY B 21 -18.70 2.83 -25.73
C GLY B 21 -19.74 2.03 -26.49
N VAL B 22 -21.00 2.25 -26.16
CA VAL B 22 -22.09 1.55 -26.83
C VAL B 22 -22.56 2.38 -28.03
N TYR B 23 -22.69 3.69 -27.81
CA TYR B 23 -23.13 4.58 -28.88
C TYR B 23 -22.04 5.54 -29.33
N SER B 24 -22.21 6.01 -30.55
CA SER B 24 -21.33 7.03 -31.10
C SER B 24 -22.23 8.17 -31.58
N SER B 25 -21.77 9.40 -31.45
CA SER B 25 -22.56 10.52 -31.96
C SER B 25 -21.67 11.58 -32.59
N ASN B 26 -22.30 12.51 -33.29
CA ASN B 26 -21.59 13.57 -33.97
C ASN B 26 -22.25 14.91 -33.68
N PRO B 27 -21.83 15.59 -32.61
CA PRO B 27 -22.50 16.87 -32.30
C PRO B 27 -22.11 17.93 -33.31
N LEU B 28 -22.91 18.99 -33.41
CA LEU B 28 -22.56 20.10 -34.31
C LEU B 28 -21.40 20.88 -33.72
N ALA B 29 -21.38 20.98 -32.39
CA ALA B 29 -20.38 21.79 -31.70
C ALA B 29 -20.21 21.36 -30.27
N LEU B 30 -19.00 21.53 -29.78
CA LEU B 30 -18.67 21.42 -28.37
C LEU B 30 -18.42 22.84 -27.87
N ILE B 31 -19.07 23.19 -26.77
CA ILE B 31 -18.88 24.53 -26.19
C ILE B 31 -18.27 24.40 -24.79
N ARG B 32 -17.29 25.27 -24.50
CA ARG B 32 -16.68 25.35 -23.17
C ARG B 32 -17.22 26.57 -22.42
N PRO B 33 -18.33 26.41 -21.69
CA PRO B 33 -18.87 27.57 -20.98
C PRO B 33 -17.98 28.00 -19.81
N SER B 34 -17.95 29.30 -19.52
CA SER B 34 -17.19 29.78 -18.37
C SER B 34 -18.00 29.67 -17.09
N GLY B 35 -19.32 29.64 -17.22
CA GLY B 35 -20.19 29.57 -16.06
C GLY B 35 -21.66 29.59 -16.48
N ALA B 36 -22.54 29.94 -15.55
CA ALA B 36 -23.98 29.86 -15.80
C ALA B 36 -24.42 30.79 -16.92
N ASP B 37 -23.76 31.94 -17.06
CA ASP B 37 -24.19 32.90 -18.07
C ASP B 37 -24.09 32.31 -19.46
N ASP B 38 -22.94 31.70 -19.77
CA ASP B 38 -22.76 31.02 -21.05
C ASP B 38 -23.79 29.91 -21.27
N VAL B 39 -24.01 29.09 -20.24
CA VAL B 39 -25.00 28.01 -20.34
C VAL B 39 -26.38 28.58 -20.69
N ALA B 40 -26.78 29.65 -20.02
CA ALA B 40 -28.07 30.28 -20.31
C ALA B 40 -28.13 30.84 -21.73
N ARG B 41 -27.06 31.49 -22.18
CA ARG B 41 -27.03 32.03 -23.53
C ARG B 41 -27.19 30.91 -24.55
N VAL B 42 -26.51 29.79 -24.33
CA VAL B 42 -26.60 28.67 -25.25
C VAL B 42 -28.04 28.14 -25.28
N LEU B 43 -28.64 27.96 -24.12
CA LEU B 43 -29.99 27.38 -24.08
C LEU B 43 -31.03 28.36 -24.64
N LYS B 44 -30.90 29.64 -24.36
CA LYS B 44 -31.79 30.63 -24.97
C LYS B 44 -31.73 30.53 -26.49
N SER B 45 -30.54 30.41 -27.04
CA SER B 45 -30.39 30.33 -28.48
C SER B 45 -30.97 29.03 -29.02
N ALA B 46 -30.73 27.93 -28.30
CA ALA B 46 -31.24 26.64 -28.74
C ALA B 46 -32.77 26.68 -28.80
N CYS B 47 -33.39 27.36 -27.85
CA CYS B 47 -34.84 27.47 -27.83
C CYS B 47 -35.40 28.25 -28.99
N ARG B 48 -34.63 29.21 -29.49
CA ARG B 48 -35.06 30.00 -30.63
C ARG B 48 -34.94 29.25 -31.94
N SER B 49 -34.13 28.19 -31.96
CA SER B 49 -33.92 27.41 -33.17
C SER B 49 -35.08 26.43 -33.38
N SER B 50 -35.23 25.93 -34.59
CA SER B 50 -36.35 25.03 -34.88
C SER B 50 -36.18 23.68 -34.19
N ASN B 51 -34.94 23.21 -34.03
CA ASN B 51 -34.80 21.91 -33.40
C ASN B 51 -33.45 21.57 -32.78
N LEU B 52 -32.62 22.56 -32.48
CA LEU B 52 -31.35 22.28 -31.81
C LEU B 52 -31.55 21.71 -30.41
N THR B 53 -30.70 20.74 -30.06
CA THR B 53 -30.71 20.14 -28.75
C THR B 53 -29.37 20.43 -28.06
N VAL B 54 -29.37 20.31 -26.74
CA VAL B 54 -28.18 20.61 -25.95
C VAL B 54 -27.99 19.53 -24.90
N ALA B 55 -26.76 19.03 -24.79
CA ALA B 55 -26.40 18.08 -23.74
C ALA B 55 -25.31 18.67 -22.87
N ALA B 56 -25.53 18.71 -21.56
CA ALA B 56 -24.45 19.04 -20.64
C ALA B 56 -23.62 17.79 -20.40
N ARG B 57 -22.32 17.86 -20.64
CA ARG B 57 -21.48 16.70 -20.39
C ARG B 57 -20.77 16.89 -19.06
N GLY B 58 -20.74 15.85 -18.25
CA GLY B 58 -20.05 15.94 -16.97
C GLY B 58 -18.61 15.53 -17.23
N ASN B 59 -18.29 14.28 -16.93
CA ASN B 59 -16.97 13.75 -17.24
C ASN B 59 -17.05 12.56 -18.19
N GLY B 60 -18.19 12.41 -18.86
CA GLY B 60 -18.35 11.42 -19.92
C GLY B 60 -18.45 9.99 -19.42
N HIS B 61 -18.95 9.81 -18.20
CA HIS B 61 -19.01 8.46 -17.65
C HIS B 61 -20.32 7.70 -17.89
N SER B 62 -21.21 8.28 -18.69
CA SER B 62 -22.42 7.57 -19.10
C SER B 62 -22.10 6.28 -19.87
N ILE B 63 -23.00 5.30 -19.77
CA ILE B 63 -22.85 4.02 -20.46
C ILE B 63 -23.55 4.06 -21.81
N ASN B 64 -24.63 4.85 -21.88
CA ASN B 64 -25.61 4.70 -22.94
C ASN B 64 -25.94 5.99 -23.68
N GLY B 65 -24.97 6.89 -23.81
CA GLY B 65 -25.17 8.08 -24.64
C GLY B 65 -25.96 9.18 -23.98
N GLN B 66 -26.18 9.08 -22.66
CA GLN B 66 -27.02 10.06 -21.95
C GLN B 66 -26.55 11.50 -22.07
N ALA B 67 -25.25 11.70 -22.23
CA ALA B 67 -24.74 13.07 -22.33
C ALA B 67 -24.35 13.43 -23.76
N MET B 68 -24.95 12.74 -24.73
CA MET B 68 -24.68 12.98 -26.13
C MET B 68 -25.75 13.87 -26.74
N ALA B 69 -25.37 14.61 -27.77
CA ALA B 69 -26.32 15.37 -28.55
C ALA B 69 -25.95 15.23 -30.02
N ASP B 70 -26.31 14.10 -30.60
CA ASP B 70 -26.06 13.87 -32.02
C ASP B 70 -26.72 14.99 -32.81
N GLY B 71 -25.96 15.65 -33.68
CA GLY B 71 -26.49 16.75 -34.46
C GLY B 71 -26.92 17.93 -33.60
N GLY B 72 -26.42 17.98 -32.37
CA GLY B 72 -26.75 19.06 -31.46
C GLY B 72 -25.55 19.73 -30.83
N ILE B 73 -25.75 20.33 -29.65
CA ILE B 73 -24.69 21.04 -28.94
C ILE B 73 -24.30 20.32 -27.66
N VAL B 74 -22.99 20.12 -27.42
CA VAL B 74 -22.53 19.60 -26.15
C VAL B 74 -21.81 20.68 -25.35
N LEU B 75 -22.17 20.79 -24.07
CA LEU B 75 -21.49 21.70 -23.14
C LEU B 75 -20.49 20.93 -22.28
N ASP B 76 -19.23 21.34 -22.31
CA ASP B 76 -18.24 20.74 -21.44
C ASP B 76 -18.36 21.35 -20.05
N MET B 77 -19.13 20.73 -19.16
CA MET B 77 -19.38 21.40 -17.89
C MET B 77 -18.12 21.50 -17.03
N ARG B 78 -17.10 20.73 -17.34
CA ARG B 78 -15.87 20.83 -16.56
C ARG B 78 -15.13 22.12 -16.77
N SER B 79 -15.46 22.86 -17.83
CA SER B 79 -14.84 24.16 -18.02
C SER B 79 -15.37 25.17 -16.97
N THR B 80 -16.44 24.79 -16.26
CA THR B 80 -16.97 25.61 -15.16
C THR B 80 -16.53 25.12 -13.78
N GLU B 81 -15.63 24.15 -13.72
CA GLU B 81 -15.37 23.44 -12.47
C GLU B 81 -14.79 24.34 -11.38
N GLY B 82 -14.17 25.44 -11.79
CA GLY B 82 -13.55 26.35 -10.85
C GLY B 82 -14.52 27.30 -10.17
N ASN B 83 -15.66 27.53 -10.81
CA ASN B 83 -16.64 28.47 -10.29
C ASN B 83 -17.25 28.06 -8.94
N HIS B 84 -17.57 29.05 -8.13
CA HIS B 84 -18.41 28.89 -6.94
C HIS B 84 -17.82 28.23 -5.69
N PHE B 85 -16.56 27.79 -5.69
CA PHE B 85 -16.11 27.04 -4.53
C PHE B 85 -16.01 27.90 -3.26
N LYS B 86 -16.82 27.55 -2.27
CA LYS B 86 -16.88 28.32 -1.03
C LYS B 86 -17.27 27.41 0.12
N ILE B 87 -16.60 27.58 1.24
CA ILE B 87 -16.93 26.87 2.47
C ILE B 87 -17.71 27.80 3.38
N LEU B 88 -18.79 27.32 3.99
CA LEU B 88 -19.57 28.19 4.84
C LEU B 88 -20.09 27.47 6.08
N ARG B 89 -20.37 28.24 7.13
CA ARG B 89 -20.99 27.67 8.32
C ARG B 89 -22.18 28.51 8.75
N GLY B 93 -24.17 26.30 12.94
CA GLY B 93 -23.38 25.15 13.37
C GLY B 93 -22.95 24.23 12.23
N ASP B 94 -23.85 23.90 11.33
CA ASP B 94 -23.51 22.93 10.30
C ASP B 94 -22.61 23.54 9.23
N HIS B 95 -21.75 22.68 8.65
CA HIS B 95 -20.83 23.05 7.58
C HIS B 95 -21.41 22.74 6.20
N TYR B 96 -21.18 23.63 5.23
CA TYR B 96 -21.57 23.42 3.83
C TYR B 96 -20.49 23.86 2.85
N ALA B 97 -20.51 23.30 1.64
CA ALA B 97 -19.68 23.80 0.56
C ALA B 97 -20.55 24.18 -0.63
N ASP B 98 -20.28 25.34 -1.23
CA ASP B 98 -20.79 25.62 -2.58
C ASP B 98 -19.80 25.03 -3.54
N VAL B 99 -20.29 24.23 -4.49
CA VAL B 99 -19.41 23.62 -5.48
C VAL B 99 -20.00 23.78 -6.86
N SER B 100 -19.15 23.81 -7.87
CA SER B 100 -19.63 23.88 -9.26
C SER B 100 -20.31 22.59 -9.70
N GLY B 101 -21.35 22.70 -10.52
CA GLY B 101 -21.95 21.53 -11.14
C GLY B 101 -20.93 20.77 -11.98
N GLY B 102 -19.94 21.48 -12.49
CA GLY B 102 -18.91 20.85 -13.30
C GLY B 102 -17.69 20.34 -12.54
N ALA B 103 -17.66 20.53 -11.23
CA ALA B 103 -16.53 20.05 -10.42
C ALA B 103 -16.51 18.53 -10.29
N LEU B 104 -15.31 17.95 -10.23
CA LEU B 104 -15.17 16.53 -9.90
C LEU B 104 -15.20 16.33 -8.40
N TRP B 105 -15.86 15.26 -7.98
CA TRP B 105 -15.93 14.93 -6.57
C TRP B 105 -14.54 14.74 -5.99
N GLU B 106 -13.62 14.21 -6.81
CA GLU B 106 -12.26 14.01 -6.33
C GLU B 106 -11.62 15.32 -5.88
N ASP B 107 -11.82 16.37 -6.65
CA ASP B 107 -11.19 17.65 -6.34
C ASP B 107 -11.84 18.29 -5.14
N ILE B 108 -13.14 18.06 -4.99
CA ILE B 108 -13.88 18.53 -3.82
C ILE B 108 -13.35 17.84 -2.56
N LEU B 109 -13.18 16.53 -2.61
CA LEU B 109 -12.56 15.81 -1.49
C LEU B 109 -11.21 16.42 -1.08
N MET B 110 -10.30 16.57 -2.05
CA MET B 110 -8.96 17.00 -1.70
C MET B 110 -8.95 18.40 -1.09
N ARG B 111 -9.73 19.31 -1.65
CA ARG B 111 -9.69 20.68 -1.17
C ARG B 111 -10.35 20.80 0.20
N CYS B 112 -11.50 20.17 0.38
CA CYS B 112 -12.18 20.23 1.67
C CYS B 112 -11.35 19.61 2.80
N VAL B 113 -10.75 18.46 2.55
CA VAL B 113 -9.98 17.80 3.60
C VAL B 113 -8.69 18.56 3.89
N SER B 114 -7.97 18.95 2.85
CA SER B 114 -6.66 19.55 3.08
C SER B 114 -6.76 20.94 3.71
N GLU B 115 -7.76 21.71 3.30
CA GLU B 115 -7.84 23.09 3.78
C GLU B 115 -8.69 23.29 5.04
N TYR B 116 -9.60 22.36 5.32
CA TYR B 116 -10.59 22.55 6.40
C TYR B 116 -10.80 21.33 7.29
N GLY B 117 -10.24 20.19 6.92
CA GLY B 117 -10.48 18.96 7.68
C GLY B 117 -11.95 18.61 7.62
N LEU B 118 -12.57 18.93 6.50
CA LEU B 118 -13.99 18.65 6.26
C LEU B 118 -14.15 17.82 5.00
N ALA B 119 -15.31 17.17 4.83
CA ALA B 119 -15.58 16.42 3.61
C ALA B 119 -17.07 16.13 3.40
N PRO B 120 -17.51 16.03 2.14
CA PRO B 120 -18.84 15.48 1.87
C PRO B 120 -19.05 14.13 2.57
N ARG B 121 -20.31 13.81 2.85
CA ARG B 121 -20.58 12.66 3.70
C ARG B 121 -21.24 11.55 2.94
N SER B 122 -21.53 11.80 1.67
CA SER B 122 -22.14 10.79 0.80
C SER B 122 -21.36 10.79 -0.51
N TRP B 123 -20.83 9.63 -0.89
CA TRP B 123 -19.93 9.51 -2.05
C TRP B 123 -20.44 8.63 -3.19
N THR B 124 -19.65 8.58 -4.25
CA THR B 124 -19.71 7.50 -5.22
C THR B 124 -18.43 6.70 -5.01
N ASP B 125 -18.38 5.46 -5.49
CA ASP B 125 -17.16 4.63 -5.36
C ASP B 125 -16.00 5.27 -6.12
N TYR B 126 -16.34 5.87 -7.25
CA TYR B 126 -15.38 6.45 -8.17
C TYR B 126 -15.57 7.96 -8.20
N LEU B 127 -14.48 8.72 -8.05
CA LEU B 127 -14.62 10.14 -7.75
C LEU B 127 -14.43 11.10 -8.93
N ARG B 128 -14.03 10.58 -10.09
CA ARG B 128 -13.90 11.45 -11.26
C ARG B 128 -15.23 11.51 -12.01
N LEU B 129 -16.26 11.88 -11.26
CA LEU B 129 -17.61 12.15 -11.77
C LEU B 129 -17.92 13.57 -11.36
N THR B 130 -18.81 14.24 -12.10
CA THR B 130 -19.15 15.62 -11.74
C THR B 130 -20.32 15.66 -10.76
N VAL B 131 -20.40 16.77 -10.03
CA VAL B 131 -21.50 17.05 -9.12
C VAL B 131 -22.84 17.00 -9.85
N GLY B 132 -22.95 17.77 -10.93
CA GLY B 132 -24.17 17.77 -11.72
C GLY B 132 -24.54 16.41 -12.28
N GLY B 133 -23.54 15.69 -12.76
CA GLY B 133 -23.77 14.34 -13.29
C GLY B 133 -24.34 13.37 -12.27
N THR B 134 -23.76 13.34 -11.07
CA THR B 134 -24.27 12.37 -10.10
C THR B 134 -25.58 12.85 -9.48
N LEU B 135 -25.70 14.16 -9.24
CA LEU B 135 -26.94 14.65 -8.66
C LEU B 135 -28.14 14.46 -9.59
N SER B 136 -27.89 14.47 -10.89
CA SER B 136 -28.94 14.17 -11.88
C SER B 136 -29.36 12.70 -11.89
N ASN B 137 -28.61 11.86 -11.19
CA ASN B 137 -28.94 10.44 -11.15
C ASN B 137 -29.27 10.00 -9.73
N ALA B 138 -28.26 9.95 -8.86
CA ALA B 138 -28.47 9.79 -7.41
C ALA B 138 -27.13 9.94 -6.69
N GLY B 139 -26.15 9.16 -7.14
CA GLY B 139 -24.82 9.16 -6.57
C GLY B 139 -24.83 8.24 -5.37
N VAL B 140 -24.47 6.97 -5.59
CA VAL B 140 -24.60 5.95 -4.57
C VAL B 140 -23.25 5.31 -4.19
N SER B 141 -23.06 5.10 -2.89
CA SER B 141 -21.90 4.36 -2.39
C SER B 141 -22.25 3.79 -1.01
N GLY B 142 -21.25 3.32 -0.27
CA GLY B 142 -21.48 2.67 1.01
C GLY B 142 -21.96 3.58 2.14
N GLN B 143 -22.04 4.90 1.90
CA GLN B 143 -22.56 5.82 2.93
C GLN B 143 -24.06 6.06 2.79
N ALA B 144 -24.64 5.62 1.67
CA ALA B 144 -26.04 5.94 1.38
C ALA B 144 -27.04 5.36 2.40
N PHE B 145 -26.72 4.23 3.01
CA PHE B 145 -27.64 3.66 4.00
C PHE B 145 -27.75 4.59 5.19
N ARG B 146 -26.71 5.39 5.42
CA ARG B 146 -26.67 6.33 6.56
C ARG B 146 -27.11 7.75 6.21
N TYR B 147 -26.62 8.29 5.09
CA TYR B 147 -26.93 9.68 4.73
C TYR B 147 -27.80 9.84 3.50
N GLY B 148 -28.15 8.72 2.86
CA GLY B 148 -28.82 8.76 1.58
C GLY B 148 -27.84 9.00 0.46
N PRO B 149 -28.31 8.92 -0.78
CA PRO B 149 -27.42 9.16 -1.93
C PRO B 149 -27.05 10.62 -2.03
N GLN B 150 -26.20 10.97 -2.97
CA GLN B 150 -25.78 12.36 -3.05
C GLN B 150 -26.94 13.31 -3.31
N SER B 151 -27.96 12.83 -4.02
CA SER B 151 -29.10 13.68 -4.34
C SER B 151 -29.91 14.02 -3.09
N SER B 152 -29.68 13.28 -2.01
CA SER B 152 -30.36 13.53 -0.73
C SER B 152 -29.52 14.41 0.19
N ASN B 153 -28.36 14.83 -0.32
CA ASN B 153 -27.48 15.68 0.45
C ASN B 153 -27.17 17.00 -0.28
N VAL B 154 -28.23 17.75 -0.54
CA VAL B 154 -28.13 19.01 -1.27
C VAL B 154 -29.06 20.01 -0.58
N THR B 155 -28.62 21.25 -0.36
CA THR B 155 -29.54 22.22 0.23
C THR B 155 -29.92 23.35 -0.72
N GLU B 156 -29.11 23.55 -1.76
CA GLU B 156 -29.38 24.55 -2.82
C GLU B 156 -28.83 24.08 -4.15
N LEU B 157 -29.48 24.49 -5.24
CA LEU B 157 -28.94 24.35 -6.60
C LEU B 157 -29.09 25.66 -7.35
N ASP B 158 -28.13 25.97 -8.21
CA ASP B 158 -28.37 26.93 -9.27
C ASP B 158 -28.68 26.09 -10.50
N VAL B 159 -29.78 26.42 -11.16
CA VAL B 159 -30.20 25.67 -12.34
C VAL B 159 -30.47 26.62 -13.50
N VAL B 160 -29.92 26.31 -14.68
CA VAL B 160 -30.38 26.97 -15.89
C VAL B 160 -31.39 26.07 -16.60
N THR B 161 -32.64 26.49 -16.66
CA THR B 161 -33.68 25.65 -17.25
C THR B 161 -33.50 25.46 -18.76
N GLY B 162 -34.26 24.54 -19.31
CA GLY B 162 -34.27 24.31 -20.75
C GLY B 162 -34.65 25.55 -21.53
N LYS B 163 -35.39 26.46 -20.91
CA LYS B 163 -35.74 27.73 -21.55
C LYS B 163 -34.60 28.75 -21.48
N GLY B 164 -33.57 28.44 -20.71
CA GLY B 164 -32.43 29.33 -20.55
C GLY B 164 -32.52 30.29 -19.37
N ASP B 165 -33.46 30.03 -18.47
CA ASP B 165 -33.66 30.88 -17.31
C ASP B 165 -32.81 30.42 -16.13
N PHE B 166 -32.14 31.36 -15.48
CA PHE B 166 -31.31 31.05 -14.32
C PHE B 166 -32.14 31.17 -13.04
N LEU B 167 -32.20 30.09 -12.27
CA LEU B 167 -32.96 30.08 -11.02
C LEU B 167 -32.13 29.45 -9.90
N THR B 168 -32.15 30.09 -8.72
CA THR B 168 -31.62 29.46 -7.52
C THR B 168 -32.76 28.72 -6.86
N CYS B 169 -32.55 27.45 -6.53
CA CYS B 169 -33.60 26.57 -6.05
CA CYS B 169 -33.63 26.68 -5.96
C CYS B 169 -33.20 25.88 -4.75
N SER B 170 -34.19 25.52 -3.96
CA SER B 170 -34.00 24.83 -2.69
C SER B 170 -35.31 24.20 -2.33
N PRO B 171 -35.36 23.48 -1.19
CA PRO B 171 -36.64 22.94 -0.73
C PRO B 171 -37.69 24.03 -0.50
N THR B 172 -37.28 25.28 -0.41
CA THR B 172 -38.21 26.37 -0.10
C THR B 172 -38.22 27.51 -1.12
N GLN B 173 -37.62 27.30 -2.28
CA GLN B 173 -37.52 28.34 -3.28
C GLN B 173 -37.41 27.66 -4.64
N ASN B 174 -38.37 27.89 -5.54
CA ASN B 174 -38.40 27.12 -6.80
C ASN B 174 -38.27 25.62 -6.52
N SER B 175 -39.04 25.13 -5.55
CA SER B 175 -38.81 23.78 -5.04
C SER B 175 -39.21 22.71 -6.08
N ASP B 176 -40.18 23.01 -6.94
CA ASP B 176 -40.51 22.06 -8.00
C ASP B 176 -39.27 21.74 -8.86
N LEU B 177 -38.52 22.77 -9.23
CA LEU B 177 -37.31 22.58 -10.03
C LEU B 177 -36.20 21.92 -9.22
N PHE B 178 -36.08 22.31 -7.96
CA PHE B 178 -35.06 21.74 -7.09
C PHE B 178 -35.20 20.20 -7.00
N PHE B 179 -36.40 19.75 -6.65
CA PHE B 179 -36.60 18.31 -6.48
C PHE B 179 -36.70 17.58 -7.82
N GLY B 180 -37.21 18.26 -8.83
CA GLY B 180 -37.25 17.72 -10.17
C GLY B 180 -35.86 17.43 -10.72
N ALA B 181 -34.93 18.37 -10.55
CA ALA B 181 -33.59 18.22 -11.08
C ALA B 181 -32.83 17.09 -10.39
N LEU B 182 -33.11 16.91 -9.10
CA LEU B 182 -32.43 15.87 -8.35
C LEU B 182 -32.94 14.48 -8.80
N GLY B 183 -32.06 13.69 -9.42
CA GLY B 183 -32.48 12.42 -9.99
C GLY B 183 -33.21 12.59 -11.32
N GLY B 184 -33.25 13.82 -11.82
CA GLY B 184 -34.07 14.16 -12.98
C GLY B 184 -33.43 13.94 -14.34
N LEU B 185 -32.27 13.28 -14.37
CA LEU B 185 -31.68 12.85 -15.64
C LEU B 185 -31.44 14.00 -16.59
N GLY B 186 -31.15 15.18 -16.04
CA GLY B 186 -30.82 16.35 -16.83
C GLY B 186 -32.00 16.97 -17.56
N GLN B 187 -33.21 16.46 -17.33
CA GLN B 187 -34.35 16.85 -18.20
C GLN B 187 -34.89 18.27 -18.00
N PHE B 188 -34.57 18.91 -16.88
CA PHE B 188 -35.26 20.16 -16.53
C PHE B 188 -34.34 21.37 -16.46
N GLY B 189 -33.06 21.13 -16.57
CA GLY B 189 -32.12 22.23 -16.49
C GLY B 189 -30.72 21.74 -16.20
N VAL B 190 -29.77 22.65 -16.34
CA VAL B 190 -28.35 22.36 -16.10
C VAL B 190 -27.98 22.88 -14.72
N ILE B 191 -27.46 21.99 -13.89
CA ILE B 191 -27.04 22.35 -12.53
C ILE B 191 -25.69 23.03 -12.61
N THR B 192 -25.61 24.31 -12.23
CA THR B 192 -24.36 25.03 -12.34
C THR B 192 -23.68 25.25 -10.98
N ARG B 193 -24.43 25.04 -9.90
CA ARG B 193 -23.90 25.12 -8.53
C ARG B 193 -24.71 24.20 -7.65
N ALA B 194 -24.06 23.60 -6.65
CA ALA B 194 -24.77 22.85 -5.62
C ALA B 194 -24.23 23.25 -4.26
N ARG B 195 -25.11 23.34 -3.27
CA ARG B 195 -24.68 23.55 -1.89
C ARG B 195 -24.88 22.24 -1.15
N ILE B 196 -23.80 21.71 -0.58
CA ILE B 196 -23.85 20.37 0.00
C ILE B 196 -23.30 20.36 1.41
N PRO B 197 -23.89 19.52 2.27
CA PRO B 197 -23.37 19.48 3.64
C PRO B 197 -21.97 18.84 3.71
N LEU B 198 -21.21 19.26 4.72
CA LEU B 198 -19.91 18.68 5.02
C LEU B 198 -19.90 18.19 6.45
N GLU B 199 -19.09 17.16 6.71
CA GLU B 199 -18.85 16.66 8.05
C GLU B 199 -17.34 16.78 8.36
N PRO B 200 -16.99 16.85 9.65
CA PRO B 200 -15.56 16.76 10.00
C PRO B 200 -15.00 15.45 9.47
N ALA B 201 -13.87 15.52 8.77
CA ALA B 201 -13.32 14.33 8.13
C ALA B 201 -12.59 13.47 9.16
N PRO B 202 -12.85 12.16 9.17
CA PRO B 202 -12.05 11.36 10.10
C PRO B 202 -10.61 11.25 9.64
N ASP B 203 -9.70 10.94 10.55
CA ASP B 203 -8.31 10.78 10.20
C ASP B 203 -8.13 9.51 9.38
N MET B 204 -8.81 8.45 9.81
CA MET B 204 -8.52 7.10 9.35
C MET B 204 -9.78 6.28 9.10
N VAL B 205 -9.56 5.14 8.45
CA VAL B 205 -10.62 4.18 8.19
C VAL B 205 -10.06 2.78 8.42
N ARG B 206 -10.81 1.95 9.13
CA ARG B 206 -10.55 0.52 9.14
C ARG B 206 -11.46 -0.10 8.08
N TRP B 207 -10.84 -0.63 7.04
CA TRP B 207 -11.51 -1.18 5.87
C TRP B 207 -11.53 -2.71 6.02
N ILE B 208 -12.72 -3.31 5.89
CA ILE B 208 -12.88 -4.73 6.16
C ILE B 208 -13.60 -5.44 5.01
N ARG B 209 -13.12 -6.63 4.66
CA ARG B 209 -13.85 -7.53 3.74
C ARG B 209 -14.01 -8.89 4.36
N MET B 210 -15.22 -9.44 4.27
CA MET B 210 -15.47 -10.78 4.79
C MET B 210 -16.16 -11.61 3.72
N VAL B 211 -15.69 -12.84 3.52
CA VAL B 211 -16.26 -13.69 2.47
C VAL B 211 -17.36 -14.60 3.03
N TYR B 212 -18.44 -14.72 2.28
CA TYR B 212 -19.60 -15.55 2.62
C TYR B 212 -19.81 -16.64 1.59
N ALA B 213 -20.15 -17.84 2.06
CA ALA B 213 -20.43 -18.97 1.17
C ALA B 213 -21.80 -18.85 0.52
N GLU B 214 -22.78 -18.35 1.25
CA GLU B 214 -24.16 -18.38 0.76
C GLU B 214 -24.82 -17.00 0.79
N PHE B 215 -25.64 -16.73 -0.21
CA PHE B 215 -26.28 -15.43 -0.31
C PHE B 215 -27.20 -15.13 0.87
N GLU B 216 -27.87 -16.16 1.39
CA GLU B 216 -28.81 -15.91 2.48
C GLU B 216 -28.10 -15.32 3.71
N ASP B 217 -26.94 -15.89 4.05
CA ASP B 217 -26.13 -15.40 5.17
C ASP B 217 -25.58 -14.01 4.91
N PHE B 218 -25.03 -13.82 3.71
CA PHE B 218 -24.47 -12.55 3.29
C PHE B 218 -25.52 -11.43 3.37
N SER B 219 -26.70 -11.69 2.84
CA SER B 219 -27.70 -10.64 2.73
C SER B 219 -28.35 -10.36 4.09
N ARG B 220 -28.59 -11.40 4.87
CA ARG B 220 -29.14 -11.23 6.21
C ARG B 220 -28.19 -10.37 7.04
N ASP B 221 -26.91 -10.66 6.95
CA ASP B 221 -25.94 -9.93 7.75
C ASP B 221 -25.81 -8.48 7.26
N ALA B 222 -25.83 -8.28 5.95
CA ALA B 222 -25.74 -6.94 5.39
C ALA B 222 -26.92 -6.08 5.87
N GLU B 223 -28.11 -6.67 5.89
CA GLU B 223 -29.29 -5.93 6.32
C GLU B 223 -29.22 -5.60 7.80
N TRP B 224 -28.72 -6.54 8.59
CA TRP B 224 -28.52 -6.33 10.00
C TRP B 224 -27.57 -5.15 10.25
N LEU B 225 -26.49 -5.07 9.46
CA LEU B 225 -25.50 -4.01 9.67
C LEU B 225 -25.99 -2.63 9.24
N VAL B 226 -26.88 -2.55 8.25
CA VAL B 226 -27.34 -1.22 7.84
C VAL B 226 -28.51 -0.77 8.71
N THR B 227 -28.99 -1.62 9.62
CA THR B 227 -30.13 -1.21 10.43
C THR B 227 -29.76 -1.01 11.90
N GLN B 228 -28.47 -0.88 12.18
CA GLN B 228 -28.07 -0.66 13.56
C GLN B 228 -28.08 0.83 13.87
N PRO B 229 -28.16 1.19 15.16
CA PRO B 229 -28.14 2.57 15.60
C PRO B 229 -26.93 3.29 15.05
N GLU B 230 -27.12 4.53 14.62
CA GLU B 230 -26.04 5.25 13.97
C GLU B 230 -24.88 5.38 14.95
N LYS B 231 -25.20 5.37 16.23
CA LYS B 231 -24.19 5.43 17.29
C LYS B 231 -23.30 4.18 17.36
N GLU B 232 -23.83 3.01 17.02
CA GLU B 232 -22.99 1.82 17.01
C GLU B 232 -23.12 1.08 15.69
N SER B 233 -22.62 1.69 14.63
CA SER B 233 -22.64 1.06 13.32
CA SER B 233 -22.66 1.10 13.30
C SER B 233 -21.38 1.38 12.56
N PHE B 234 -21.18 0.66 11.45
CA PHE B 234 -20.14 1.00 10.51
C PHE B 234 -20.52 2.28 9.80
N ASP B 235 -19.56 2.85 9.08
CA ASP B 235 -19.75 4.12 8.39
C ASP B 235 -19.82 3.89 6.88
N TYR B 236 -19.78 2.63 6.49
CA TYR B 236 -19.76 2.21 5.09
C TYR B 236 -20.15 0.74 5.00
N VAL B 237 -21.14 0.43 4.17
CA VAL B 237 -21.49 -0.98 3.90
C VAL B 237 -21.70 -1.19 2.39
N GLU B 238 -20.91 -2.07 1.78
CA GLU B 238 -21.18 -2.54 0.43
C GLU B 238 -21.01 -4.05 0.40
N GLY B 239 -21.18 -4.64 -0.78
CA GLY B 239 -20.98 -6.06 -0.93
C GLY B 239 -20.90 -6.36 -2.41
N PHE B 240 -20.39 -7.54 -2.73
CA PHE B 240 -20.36 -7.98 -4.11
C PHE B 240 -20.27 -9.48 -4.21
N ALA B 241 -20.78 -10.02 -5.32
CA ALA B 241 -20.57 -11.41 -5.67
C ALA B 241 -19.29 -11.51 -6.49
N PHE B 242 -18.49 -12.55 -6.24
CA PHE B 242 -17.30 -12.73 -7.07
C PHE B 242 -17.22 -14.21 -7.44
N VAL B 243 -16.41 -14.52 -8.44
CA VAL B 243 -16.34 -15.89 -8.93
C VAL B 243 -15.40 -16.71 -8.07
N ASN B 244 -15.83 -17.91 -7.72
CA ASN B 244 -15.00 -18.84 -6.95
C ASN B 244 -13.94 -19.46 -7.84
N SER B 245 -12.99 -18.64 -8.26
CA SER B 245 -11.97 -19.06 -9.21
C SER B 245 -10.70 -18.29 -8.95
N ASP B 246 -9.64 -18.60 -9.71
CA ASP B 246 -8.38 -17.89 -9.56
C ASP B 246 -8.27 -16.72 -10.55
N SER B 247 -9.38 -16.36 -11.17
CA SER B 247 -9.40 -15.26 -12.12
C SER B 247 -8.95 -13.95 -11.47
N PRO B 248 -7.87 -13.35 -11.99
CA PRO B 248 -7.41 -12.07 -11.43
C PRO B 248 -8.42 -10.94 -11.61
N ALA B 249 -9.29 -11.06 -12.61
CA ALA B 249 -10.27 -10.01 -12.90
C ALA B 249 -11.40 -9.97 -11.88
N ASP B 250 -12.03 -11.11 -11.61
CA ASP B 250 -13.22 -11.13 -10.77
C ASP B 250 -13.29 -12.37 -9.89
N GLY B 251 -12.15 -13.02 -9.69
CA GLY B 251 -12.09 -14.18 -8.83
C GLY B 251 -11.47 -13.85 -7.48
N TRP B 252 -11.02 -14.87 -6.77
CA TRP B 252 -10.41 -14.69 -5.47
C TRP B 252 -9.32 -13.61 -5.43
N PRO B 253 -8.50 -13.52 -6.49
CA PRO B 253 -7.43 -12.51 -6.43
C PRO B 253 -7.94 -11.06 -6.29
N SER B 254 -9.20 -10.81 -6.61
CA SER B 254 -9.73 -9.46 -6.53
C SER B 254 -10.22 -9.12 -5.13
N VAL B 255 -10.18 -10.08 -4.22
CA VAL B 255 -10.86 -9.90 -2.95
C VAL B 255 -9.98 -9.39 -1.79
N PRO B 256 -8.82 -10.01 -1.55
CA PRO B 256 -8.06 -9.67 -0.33
C PRO B 256 -7.61 -8.20 -0.22
N LEU B 257 -7.70 -7.66 0.99
CA LEU B 257 -7.19 -6.32 1.28
C LEU B 257 -5.77 -6.39 1.81
N ASN B 258 -5.37 -7.58 2.23
CA ASN B 258 -4.00 -7.73 2.73
C ASN B 258 -3.51 -9.15 2.55
N HIS B 259 -2.21 -9.33 2.69
CA HIS B 259 -1.61 -10.65 2.66
C HIS B 259 -1.87 -11.38 3.97
N MET B 260 -2.70 -12.42 3.91
CA MET B 260 -2.89 -13.30 5.05
C MET B 260 -2.40 -14.70 4.72
N MET B 261 -2.11 -14.91 3.42
CA MET B 261 -1.68 -16.20 2.90
C MET B 261 -2.49 -17.36 3.50
N THR B 262 -3.78 -17.11 3.71
CA THR B 262 -4.70 -18.15 4.15
C THR B 262 -5.44 -18.68 2.93
N THR B 263 -5.19 -19.94 2.59
CA THR B 263 -5.69 -20.54 1.35
C THR B 263 -7.20 -20.72 1.33
N PRO B 264 -7.86 -20.18 0.28
CA PRO B 264 -9.30 -20.34 0.05
C PRO B 264 -9.75 -21.81 0.15
N ILE B 265 -10.88 -22.03 0.82
CA ILE B 265 -11.48 -23.36 0.86
C ILE B 265 -11.96 -23.73 -0.53
N HIS B 266 -11.62 -24.93 -0.98
CA HIS B 266 -12.03 -25.40 -2.30
C HIS B 266 -13.36 -26.12 -2.23
N SER B 267 -14.38 -25.50 -2.83
CA SER B 267 -15.72 -26.04 -2.82
C SER B 267 -16.41 -25.80 -4.15
N GLY B 268 -17.57 -26.43 -4.34
CA GLY B 268 -18.27 -26.38 -5.60
C GLY B 268 -19.02 -25.08 -5.88
N HIS B 269 -18.91 -24.10 -4.99
CA HIS B 269 -19.57 -22.82 -5.23
C HIS B 269 -19.11 -22.20 -6.55
N GLN B 270 -20.05 -21.75 -7.37
CA GLN B 270 -19.71 -21.03 -8.59
C GLN B 270 -19.38 -19.58 -8.24
N LEU B 271 -20.23 -18.99 -7.40
CA LEU B 271 -20.01 -17.65 -6.87
C LEU B 271 -19.88 -17.68 -5.36
N LEU B 272 -19.14 -16.72 -4.83
CA LEU B 272 -19.16 -16.43 -3.40
C LEU B 272 -19.51 -14.96 -3.22
N TYR B 273 -19.67 -14.53 -1.98
CA TYR B 273 -20.07 -13.16 -1.72
C TYR B 273 -19.12 -12.52 -0.73
N CYS B 274 -18.94 -11.21 -0.89
CA CYS B 274 -18.03 -10.46 -0.03
C CYS B 274 -18.77 -9.28 0.58
N LEU B 275 -18.77 -9.21 1.91
CA LEU B 275 -19.34 -8.07 2.62
C LEU B 275 -18.22 -7.09 2.93
N GLU B 276 -18.42 -5.83 2.57
CA GLU B 276 -17.35 -4.84 2.66
C GLU B 276 -17.78 -3.76 3.61
N LEU B 277 -16.97 -3.51 4.63
CA LEU B 277 -17.34 -2.61 5.71
C LEU B 277 -16.23 -1.60 5.95
N ALA B 278 -16.57 -0.44 6.50
CA ALA B 278 -15.52 0.49 6.89
C ALA B 278 -15.93 1.24 8.13
N LEU B 279 -14.97 1.44 9.03
CA LEU B 279 -15.23 2.16 10.27
C LEU B 279 -14.31 3.36 10.35
N HIS B 280 -14.90 4.54 10.45
CA HIS B 280 -14.12 5.77 10.64
C HIS B 280 -13.49 5.81 12.02
N PHE B 281 -12.25 6.31 12.11
CA PHE B 281 -11.68 6.59 13.43
C PHE B 281 -10.58 7.65 13.32
N ASN B 282 -10.19 8.19 14.46
CA ASN B 282 -9.20 9.27 14.50
C ASN B 282 -7.92 8.83 15.19
N HIS B 283 -6.84 9.55 14.89
CA HIS B 283 -5.50 9.21 15.38
C HIS B 283 -5.43 8.90 16.87
N SER B 284 -6.21 9.63 17.68
CA SER B 284 -6.19 9.44 19.12
C SER B 284 -6.84 8.11 19.56
N ASN B 285 -7.30 7.31 18.59
CA ASN B 285 -7.85 6.00 18.87
C ASN B 285 -6.82 4.89 18.62
N SER B 286 -6.44 4.18 19.67
CA SER B 286 -5.45 3.12 19.55
C SER B 286 -5.97 1.99 18.67
N SER B 287 -5.06 1.16 18.17
CA SER B 287 -5.46 0.01 17.37
C SER B 287 -6.32 -0.93 18.21
N SER B 288 -6.10 -0.91 19.53
CA SER B 288 -6.82 -1.75 20.48
C SER B 288 -8.27 -1.28 20.70
N THR B 289 -8.48 0.03 20.73
CA THR B 289 -9.81 0.60 20.90
C THR B 289 -10.70 0.36 19.68
N VAL B 290 -10.14 0.59 18.50
CA VAL B 290 -10.84 0.33 17.26
C VAL B 290 -11.19 -1.15 17.19
N ASP B 291 -10.29 -1.98 17.70
CA ASP B 291 -10.48 -3.42 17.69
C ASP B 291 -11.72 -3.84 18.47
N SER B 292 -11.91 -3.28 19.67
CA SER B 292 -13.03 -3.69 20.51
C SER B 292 -14.35 -3.27 19.88
N VAL B 293 -14.38 -2.09 19.26
CA VAL B 293 -15.58 -1.67 18.54
C VAL B 293 -15.91 -2.63 17.40
N VAL B 294 -14.91 -2.95 16.57
CA VAL B 294 -15.17 -3.84 15.45
C VAL B 294 -15.64 -5.22 15.93
N LYS B 295 -14.98 -5.74 16.96
CA LYS B 295 -15.33 -7.05 17.50
C LYS B 295 -16.80 -7.09 17.95
N ARG B 296 -17.24 -6.02 18.60
CA ARG B 296 -18.65 -5.92 18.99
C ARG B 296 -19.57 -5.85 17.77
N LEU B 297 -19.21 -5.03 16.79
CA LEU B 297 -20.06 -4.83 15.61
C LEU B 297 -20.21 -6.07 14.74
N ILE B 298 -19.21 -6.93 14.71
CA ILE B 298 -19.31 -8.12 13.85
C ILE B 298 -19.65 -9.39 14.62
N GLY B 299 -20.07 -9.25 15.87
CA GLY B 299 -20.51 -10.40 16.64
C GLY B 299 -21.68 -11.09 15.95
N GLY B 300 -21.61 -12.42 15.87
CA GLY B 300 -22.70 -13.19 15.27
C GLY B 300 -22.72 -13.27 13.75
N LEU B 301 -21.84 -12.52 13.07
CA LEU B 301 -21.82 -12.55 11.61
C LEU B 301 -21.34 -13.90 11.11
N ARG B 302 -21.96 -14.38 10.04
CA ARG B 302 -21.74 -15.76 9.59
C ARG B 302 -20.81 -15.84 8.38
N TYR B 303 -19.79 -14.99 8.35
CA TYR B 303 -18.79 -15.08 7.31
C TYR B 303 -17.90 -16.30 7.54
N MET B 304 -17.25 -16.77 6.47
CA MET B 304 -16.36 -17.93 6.54
C MET B 304 -15.11 -17.61 7.36
N LYS B 305 -14.86 -18.38 8.41
CA LYS B 305 -13.69 -18.14 9.26
C LYS B 305 -12.40 -18.24 8.46
N GLY B 306 -11.48 -17.32 8.74
CA GLY B 306 -10.21 -17.28 8.04
C GLY B 306 -10.23 -16.37 6.84
N PHE B 307 -11.40 -15.80 6.53
CA PHE B 307 -11.53 -14.94 5.35
C PHE B 307 -12.12 -13.58 5.70
N LYS B 308 -11.57 -13.02 6.77
CA LYS B 308 -11.81 -11.63 7.12
C LYS B 308 -10.53 -10.87 6.88
N TYR B 309 -10.57 -9.91 5.97
CA TYR B 309 -9.42 -9.07 5.69
C TYR B 309 -9.65 -7.69 6.30
N GLU B 310 -8.60 -7.11 6.87
CA GLU B 310 -8.69 -5.76 7.43
C GLU B 310 -7.45 -4.95 7.08
N VAL B 311 -7.65 -3.67 6.74
CA VAL B 311 -6.54 -2.74 6.57
CA VAL B 311 -6.52 -2.76 6.63
C VAL B 311 -6.91 -1.37 7.12
N ASP B 312 -5.96 -0.69 7.74
CA ASP B 312 -6.15 0.70 8.16
C ASP B 312 -5.49 1.60 7.14
N LEU B 313 -6.20 2.63 6.70
CA LEU B 313 -5.61 3.60 5.79
C LEU B 313 -6.25 4.97 6.06
N SER B 314 -5.70 6.04 5.48
CA SER B 314 -6.26 7.36 5.75
C SER B 314 -7.66 7.47 5.15
N TYR B 315 -8.45 8.41 5.66
CA TYR B 315 -9.78 8.63 5.09
C TYR B 315 -9.71 8.92 3.58
N VAL B 316 -8.79 9.80 3.18
CA VAL B 316 -8.65 10.17 1.78
C VAL B 316 -8.24 8.95 0.94
N GLU B 317 -7.32 8.15 1.45
CA GLU B 317 -6.92 6.95 0.73
C GLU B 317 -8.10 6.00 0.54
N PHE B 318 -8.95 5.87 1.55
CA PHE B 318 -10.10 4.98 1.43
C PHE B 318 -11.09 5.53 0.40
N VAL B 319 -11.42 6.81 0.50
CA VAL B 319 -12.41 7.37 -0.41
C VAL B 319 -11.88 7.31 -1.84
N MET B 320 -10.56 7.41 -1.99
CA MET B 320 -9.92 7.38 -3.32
C MET B 320 -9.51 5.97 -3.77
N ARG B 321 -9.99 4.96 -3.06
CA ARG B 321 -9.47 3.59 -3.24
C ARG B 321 -9.55 3.08 -4.67
N VAL B 322 -10.50 3.59 -5.47
CA VAL B 322 -10.70 3.06 -6.81
C VAL B 322 -9.71 3.67 -7.82
N LYS B 323 -8.95 4.67 -7.40
CA LYS B 323 -7.93 5.26 -8.29
C LYS B 323 -6.95 4.21 -8.84
N ARG B 324 -6.54 3.28 -8.00
CA ARG B 324 -5.59 2.24 -8.42
C ARG B 324 -6.21 1.37 -9.52
N VAL B 325 -7.52 1.20 -9.48
CA VAL B 325 -8.24 0.43 -10.49
C VAL B 325 -8.19 1.14 -11.85
N GLU B 326 -8.45 2.44 -11.86
CA GLU B 326 -8.34 3.21 -13.11
C GLU B 326 -6.94 3.20 -13.68
N GLU B 327 -5.94 3.42 -12.82
CA GLU B 327 -4.56 3.47 -13.30
C GLU B 327 -4.17 2.16 -13.97
N ASP B 328 -4.56 1.05 -13.34
CA ASP B 328 -4.28 -0.27 -13.88
C ASP B 328 -4.96 -0.50 -15.23
N ALA B 329 -6.22 -0.09 -15.33
CA ALA B 329 -6.98 -0.26 -16.56
C ALA B 329 -6.36 0.56 -17.70
N ARG B 330 -5.96 1.80 -17.41
CA ARG B 330 -5.32 2.65 -18.41
C ARG B 330 -4.01 2.04 -18.88
N ALA B 331 -3.30 1.37 -17.97
CA ALA B 331 -2.01 0.80 -18.32
C ALA B 331 -2.19 -0.36 -19.31
N HIS B 332 -3.39 -0.94 -19.32
CA HIS B 332 -3.69 -2.08 -20.18
C HIS B 332 -4.68 -1.72 -21.28
N GLY B 333 -4.82 -0.41 -21.55
CA GLY B 333 -5.70 0.08 -22.59
C GLY B 333 -7.15 -0.38 -22.46
N MET B 334 -7.59 -0.61 -21.23
CA MET B 334 -8.93 -1.10 -20.97
C MET B 334 -9.90 0.03 -20.60
N TRP B 335 -9.36 1.23 -20.41
CA TRP B 335 -10.18 2.37 -20.00
C TRP B 335 -10.90 3.00 -21.19
N ASP B 336 -10.15 3.23 -22.26
CA ASP B 336 -10.70 3.78 -23.49
C ASP B 336 -11.21 2.62 -24.33
N ALA B 337 -12.21 1.93 -23.79
CA ALA B 337 -12.79 0.73 -24.37
C ALA B 337 -14.23 0.59 -23.88
N PRO B 338 -14.99 -0.35 -24.48
CA PRO B 338 -16.41 -0.43 -24.08
C PRO B 338 -16.64 -0.92 -22.66
N HIS B 339 -17.69 -0.41 -22.04
CA HIS B 339 -18.11 -0.84 -20.71
C HIS B 339 -19.63 -0.92 -20.62
N PRO B 340 -20.22 -1.99 -21.16
CA PRO B 340 -21.68 -2.07 -21.16
C PRO B 340 -22.23 -2.48 -19.79
N TRP B 341 -22.07 -1.58 -18.83
CA TRP B 341 -22.49 -1.81 -17.45
C TRP B 341 -24.00 -1.77 -17.28
N LEU B 342 -24.50 -2.56 -16.34
CA LEU B 342 -25.93 -2.60 -16.03
C LEU B 342 -26.10 -2.32 -14.53
N ASN B 343 -26.97 -1.37 -14.21
CA ASN B 343 -27.17 -0.95 -12.82
C ASN B 343 -28.65 -1.00 -12.47
N LEU B 344 -29.01 -1.56 -11.33
CA LEU B 344 -30.44 -1.60 -11.01
C LEU B 344 -30.73 -1.63 -9.51
N PHE B 345 -31.92 -1.16 -9.14
CA PHE B 345 -32.42 -1.29 -7.78
C PHE B 345 -33.38 -2.46 -7.75
N VAL B 346 -33.32 -3.25 -6.68
CA VAL B 346 -34.14 -4.43 -6.55
C VAL B 346 -34.79 -4.43 -5.16
N SER B 347 -36.07 -4.76 -5.12
CA SER B 347 -36.78 -4.82 -3.84
CA SER B 347 -36.81 -4.85 -3.85
C SER B 347 -36.24 -5.95 -2.97
N LYS B 348 -36.22 -5.73 -1.66
CA LYS B 348 -35.78 -6.78 -0.73
C LYS B 348 -36.61 -8.05 -0.91
N ALA B 349 -37.90 -7.90 -1.19
CA ALA B 349 -38.77 -9.07 -1.32
C ALA B 349 -38.33 -9.99 -2.44
N ASP B 350 -37.58 -9.45 -3.40
CA ASP B 350 -37.21 -10.22 -4.57
C ASP B 350 -35.71 -10.45 -4.73
N ILE B 351 -34.92 -10.01 -3.76
CA ILE B 351 -33.48 -10.07 -3.94
C ILE B 351 -32.98 -11.53 -3.93
N ALA B 352 -33.58 -12.39 -3.11
CA ALA B 352 -33.18 -13.81 -3.11
C ALA B 352 -33.47 -14.47 -4.46
N GLU B 353 -34.61 -14.17 -5.05
CA GLU B 353 -34.95 -14.68 -6.37
CA GLU B 353 -34.92 -14.72 -6.35
C GLU B 353 -34.03 -14.09 -7.43
N PHE B 354 -33.68 -12.81 -7.25
CA PHE B 354 -32.72 -12.18 -8.15
C PHE B 354 -31.38 -12.92 -8.13
N ASP B 355 -30.90 -13.21 -6.92
CA ASP B 355 -29.66 -13.96 -6.78
C ASP B 355 -29.77 -15.32 -7.44
N ARG B 356 -30.91 -16.01 -7.23
CA ARG B 356 -31.07 -17.34 -7.82
CA ARG B 356 -31.09 -17.33 -7.82
C ARG B 356 -31.12 -17.29 -9.34
N LEU B 357 -31.98 -16.42 -9.86
CA LEU B 357 -32.24 -16.38 -11.30
C LEU B 357 -31.12 -15.73 -12.08
N ILE B 358 -30.55 -14.66 -11.53
CA ILE B 358 -29.63 -13.83 -12.27
C ILE B 358 -28.18 -14.13 -11.91
N PHE B 359 -27.80 -13.92 -10.65
CA PHE B 359 -26.41 -14.22 -10.25
C PHE B 359 -26.07 -15.69 -10.47
N LYS B 360 -26.86 -16.59 -9.90
CA LYS B 360 -26.57 -18.02 -10.06
C LYS B 360 -27.00 -18.53 -11.43
N GLY B 361 -28.15 -18.08 -11.91
CA GLY B 361 -28.71 -18.63 -13.12
C GLY B 361 -28.00 -18.21 -14.40
N LEU B 362 -27.64 -16.94 -14.47
CA LEU B 362 -27.09 -16.37 -15.70
C LEU B 362 -25.62 -15.96 -15.58
N LEU B 363 -25.22 -15.52 -14.40
CA LEU B 363 -23.91 -14.89 -14.24
C LEU B 363 -22.96 -15.70 -13.37
N HIS B 364 -23.16 -17.01 -13.32
CA HIS B 364 -22.35 -17.86 -12.46
C HIS B 364 -20.88 -17.89 -12.84
N ASP B 365 -20.55 -17.47 -14.07
CA ASP B 365 -19.14 -17.38 -14.50
C ASP B 365 -18.58 -15.96 -14.43
N GLY B 366 -19.36 -15.03 -13.89
CA GLY B 366 -18.90 -13.66 -13.71
C GLY B 366 -19.07 -12.82 -14.96
N VAL B 367 -18.83 -11.52 -14.83
CA VAL B 367 -18.92 -10.61 -15.97
C VAL B 367 -17.57 -9.93 -16.23
N GLY B 368 -16.53 -10.36 -15.52
CA GLY B 368 -15.18 -9.86 -15.76
C GLY B 368 -14.78 -8.73 -14.83
N GLY B 369 -15.75 -8.21 -14.08
CA GLY B 369 -15.48 -7.16 -13.10
C GLY B 369 -16.46 -7.28 -11.94
N PRO B 370 -16.46 -6.32 -11.03
CA PRO B 370 -17.28 -6.44 -9.83
C PRO B 370 -18.78 -6.60 -10.11
N MET B 371 -19.42 -7.50 -9.37
CA MET B 371 -20.88 -7.57 -9.40
C MET B 371 -21.36 -7.11 -8.03
N LEU B 372 -21.60 -5.81 -7.92
CA LEU B 372 -21.96 -5.22 -6.62
C LEU B 372 -23.37 -5.57 -6.22
N VAL B 373 -23.59 -5.75 -4.92
CA VAL B 373 -24.95 -5.99 -4.45
C VAL B 373 -24.98 -5.67 -2.97
N TYR B 374 -25.76 -4.66 -2.58
CA TYR B 374 -25.83 -4.33 -1.17
C TYR B 374 -27.10 -3.58 -0.83
N PRO B 375 -27.49 -3.63 0.45
CA PRO B 375 -28.77 -3.03 0.84
C PRO B 375 -28.66 -1.53 1.10
N LEU B 376 -29.81 -0.87 0.99
CA LEU B 376 -30.00 0.55 1.19
C LEU B 376 -31.26 0.75 2.03
N LEU B 377 -31.45 1.95 2.58
CA LEU B 377 -32.64 2.28 3.37
C LEU B 377 -33.51 3.32 2.66
N ARG B 378 -34.77 2.97 2.38
CA ARG B 378 -35.63 3.86 1.60
C ARG B 378 -35.86 5.21 2.24
N SER B 379 -35.81 5.26 3.57
CA SER B 379 -36.09 6.49 4.31
C SER B 379 -35.10 7.62 3.98
N LYS B 380 -33.95 7.25 3.43
CA LYS B 380 -32.91 8.24 3.13
C LYS B 380 -33.02 8.78 1.72
N TRP B 381 -33.96 8.22 0.94
CA TRP B 381 -34.17 8.62 -0.44
C TRP B 381 -35.41 9.51 -0.50
N ASP B 382 -35.20 10.76 -0.89
CA ASP B 382 -36.26 11.76 -0.81
C ASP B 382 -37.39 11.50 -1.80
N SER B 383 -38.60 11.23 -1.28
CA SER B 383 -39.73 10.92 -2.15
C SER B 383 -40.17 12.09 -3.04
N ARG B 384 -39.71 13.31 -2.75
CA ARG B 384 -40.05 14.46 -3.59
C ARG B 384 -39.20 14.54 -4.87
N SER B 385 -38.05 13.87 -4.87
CA SER B 385 -37.11 13.94 -5.99
C SER B 385 -37.60 13.13 -7.19
N SER B 386 -36.83 13.16 -8.27
CA SER B 386 -37.23 12.43 -9.49
C SER B 386 -36.76 10.99 -9.47
N VAL B 387 -36.02 10.61 -8.43
CA VAL B 387 -35.49 9.24 -8.41
C VAL B 387 -36.64 8.22 -8.42
N VAL B 388 -36.43 7.14 -9.17
CA VAL B 388 -37.43 6.09 -9.32
C VAL B 388 -36.93 4.82 -8.64
N LEU B 389 -37.59 4.42 -7.57
CA LEU B 389 -37.25 3.17 -6.89
C LEU B 389 -38.34 2.13 -7.11
N PRO B 390 -37.99 0.84 -6.96
CA PRO B 390 -39.06 -0.15 -7.09
C PRO B 390 -39.99 -0.08 -5.88
N GLU B 391 -41.27 -0.36 -6.07
CA GLU B 391 -42.18 -0.42 -4.95
C GLU B 391 -41.83 -1.57 -4.02
N GLY B 392 -42.06 -1.41 -2.71
CA GLY B 392 -41.66 -2.40 -1.73
C GLY B 392 -42.19 -2.17 -0.33
N GLU B 393 -42.33 -3.24 0.44
CA GLU B 393 -42.93 -3.16 1.76
C GLU B 393 -41.88 -2.89 2.82
N ASP B 394 -40.61 -3.09 2.47
CA ASP B 394 -39.54 -2.98 3.44
C ASP B 394 -38.80 -1.64 3.33
N GLU B 395 -38.31 -1.18 4.46
CA GLU B 395 -37.41 -0.05 4.52
C GLU B 395 -36.13 -0.37 3.74
N ILE B 396 -35.83 -1.66 3.67
CA ILE B 396 -34.64 -2.12 2.94
C ILE B 396 -34.92 -2.40 1.47
N PHE B 397 -34.04 -1.92 0.59
CA PHE B 397 -34.01 -2.38 -0.80
C PHE B 397 -32.55 -2.54 -1.21
N TYR B 398 -32.29 -3.01 -2.43
CA TYR B 398 -30.91 -3.28 -2.86
C TYR B 398 -30.50 -2.52 -4.10
N ILE B 399 -29.20 -2.22 -4.20
CA ILE B 399 -28.63 -1.79 -5.47
C ILE B 399 -27.73 -2.91 -5.99
N VAL B 400 -27.77 -3.12 -7.31
CA VAL B 400 -26.95 -4.12 -7.98
C VAL B 400 -26.23 -3.42 -9.11
N ALA B 401 -24.94 -3.70 -9.26
CA ALA B 401 -24.18 -3.15 -10.37
C ALA B 401 -23.34 -4.22 -11.04
N LEU B 402 -23.53 -4.41 -12.33
CA LEU B 402 -22.79 -5.40 -13.09
C LEU B 402 -21.72 -4.69 -13.92
N LEU B 403 -20.50 -4.66 -13.39
CA LEU B 403 -19.46 -3.86 -13.98
C LEU B 403 -18.64 -4.73 -14.94
N ARG B 404 -19.25 -5.03 -16.08
CA ARG B 404 -18.63 -5.86 -17.11
C ARG B 404 -17.24 -5.36 -17.47
N SER B 405 -16.33 -6.29 -17.73
CA SER B 405 -15.00 -5.99 -18.21
C SER B 405 -14.57 -7.10 -19.15
N ASN B 406 -14.24 -6.74 -20.38
CA ASN B 406 -13.74 -7.69 -21.38
C ASN B 406 -12.71 -7.01 -22.27
N PRO B 407 -11.85 -7.80 -22.90
CA PRO B 407 -11.06 -7.22 -24.00
C PRO B 407 -12.00 -6.78 -25.12
N PRO B 408 -11.70 -5.65 -25.79
CA PRO B 408 -12.53 -5.14 -26.90
C PRO B 408 -12.71 -6.20 -28.00
N TYR B 409 -13.67 -5.98 -28.90
CA TYR B 409 -14.04 -7.05 -29.83
C TYR B 409 -13.11 -7.25 -31.04
N PRO B 410 -12.07 -8.05 -30.84
CA PRO B 410 -11.90 -9.25 -31.65
C PRO B 410 -11.80 -10.40 -30.66
N LYS B 411 -11.08 -10.14 -29.57
CA LYS B 411 -10.75 -11.11 -28.54
C LYS B 411 -11.93 -11.36 -27.59
N GLY B 412 -12.55 -10.28 -27.12
CA GLY B 412 -13.73 -10.42 -26.27
C GLY B 412 -15.01 -10.36 -27.09
N PRO B 413 -16.17 -10.48 -26.41
CA PRO B 413 -17.46 -10.38 -27.10
C PRO B 413 -17.70 -8.99 -27.69
N SER B 414 -18.44 -8.92 -28.79
CA SER B 414 -18.83 -7.64 -29.37
C SER B 414 -19.71 -6.86 -28.40
N VAL B 415 -19.80 -5.54 -28.62
CA VAL B 415 -20.71 -4.72 -27.83
C VAL B 415 -22.15 -5.20 -28.02
N ASP B 416 -22.53 -5.52 -29.26
CA ASP B 416 -23.87 -6.02 -29.53
C ASP B 416 -24.20 -7.23 -28.68
N LYS B 417 -23.23 -8.12 -28.55
CA LYS B 417 -23.42 -9.34 -27.76
C LYS B 417 -23.62 -9.03 -26.29
N LEU B 418 -22.78 -8.14 -25.75
CA LEU B 418 -22.89 -7.79 -24.33
C LEU B 418 -24.21 -7.07 -24.05
N VAL B 419 -24.61 -6.17 -24.93
CA VAL B 419 -25.86 -5.46 -24.74
C VAL B 419 -27.00 -6.48 -24.78
N SER B 420 -26.92 -7.43 -25.70
CA SER B 420 -27.91 -8.50 -25.78
C SER B 420 -28.01 -9.25 -24.45
N GLN B 421 -26.87 -9.55 -23.85
CA GLN B 421 -26.89 -10.27 -22.58
C GLN B 421 -27.48 -9.39 -21.48
N ASN B 422 -27.22 -8.09 -21.52
CA ASN B 422 -27.90 -7.19 -20.58
C ASN B 422 -29.41 -7.22 -20.78
N ASP B 423 -29.84 -7.21 -22.04
CA ASP B 423 -31.26 -7.24 -22.36
C ASP B 423 -31.90 -8.51 -21.82
N LYS B 424 -31.17 -9.61 -21.89
CA LYS B 424 -31.71 -10.87 -21.40
C LYS B 424 -31.85 -10.86 -19.87
N ILE B 425 -30.93 -10.20 -19.18
CA ILE B 425 -31.04 -10.09 -17.72
C ILE B 425 -32.30 -9.33 -17.35
N ILE B 426 -32.51 -8.20 -18.02
CA ILE B 426 -33.68 -7.36 -17.77
C ILE B 426 -34.93 -8.15 -18.10
N GLN B 427 -34.88 -8.87 -19.21
CA GLN B 427 -36.00 -9.70 -19.65
C GLN B 427 -36.38 -10.72 -18.59
N SER B 428 -35.39 -11.38 -18.01
CA SER B 428 -35.64 -12.36 -16.96
CA SER B 428 -35.62 -12.35 -16.95
C SER B 428 -36.28 -11.71 -15.73
N CYS B 429 -35.80 -10.53 -15.35
CA CYS B 429 -36.38 -9.83 -14.22
C CYS B 429 -37.85 -9.48 -14.48
N ILE B 430 -38.14 -8.99 -15.68
CA ILE B 430 -39.52 -8.68 -16.05
C ILE B 430 -40.41 -9.91 -16.10
N GLN B 431 -39.95 -10.95 -16.77
CA GLN B 431 -40.79 -12.13 -16.93
C GLN B 431 -41.09 -12.83 -15.61
N HIS B 432 -40.17 -12.69 -14.65
CA HIS B 432 -40.36 -13.31 -13.34
C HIS B 432 -41.05 -12.37 -12.36
N GLY B 433 -41.39 -11.17 -12.81
CA GLY B 433 -42.13 -10.21 -12.01
C GLY B 433 -41.36 -9.68 -10.81
N LEU B 434 -40.04 -9.63 -10.93
CA LEU B 434 -39.20 -9.07 -9.88
C LEU B 434 -39.39 -7.56 -9.77
N GLY B 435 -39.44 -7.04 -8.55
CA GLY B 435 -39.55 -5.61 -8.36
C GLY B 435 -38.20 -4.95 -8.55
N PHE B 436 -38.00 -4.32 -9.71
CA PHE B 436 -36.73 -3.64 -9.99
C PHE B 436 -36.98 -2.36 -10.75
N LYS B 437 -36.01 -1.45 -10.67
CA LYS B 437 -35.94 -0.30 -11.56
C LYS B 437 -34.49 -0.15 -11.98
N LEU B 438 -34.25 0.20 -13.24
CA LEU B 438 -32.88 0.48 -13.63
C LEU B 438 -32.42 1.75 -12.97
N TYR B 439 -31.18 1.74 -12.50
CA TYR B 439 -30.46 2.95 -12.09
C TYR B 439 -29.66 3.40 -13.31
N LEU B 440 -29.61 4.71 -13.58
CA LEU B 440 -29.05 5.19 -14.85
C LEU B 440 -29.84 4.54 -16.00
N PRO B 441 -31.18 4.62 -15.93
CA PRO B 441 -32.03 3.88 -16.85
C PRO B 441 -31.80 4.28 -18.28
N HIS B 442 -31.97 3.33 -19.19
CA HIS B 442 -31.88 3.64 -20.60
C HIS B 442 -32.93 2.85 -21.33
N TYR B 443 -33.85 3.56 -21.99
CA TYR B 443 -34.88 2.94 -22.81
C TYR B 443 -35.01 3.75 -24.09
N GLN B 444 -35.64 3.15 -25.09
CA GLN B 444 -35.78 3.80 -26.38
C GLN B 444 -37.23 4.23 -26.67
N SER B 445 -38.19 3.46 -26.19
CA SER B 445 -39.60 3.78 -26.44
C SER B 445 -40.19 4.51 -25.24
N GLN B 446 -41.02 5.52 -25.50
CA GLN B 446 -41.61 6.23 -24.38
C GLN B 446 -42.54 5.29 -23.63
N HIS B 447 -43.02 4.26 -24.32
CA HIS B 447 -43.77 3.19 -23.68
C HIS B 447 -42.97 2.53 -22.54
N ASP B 448 -41.72 2.21 -22.82
CA ASP B 448 -40.86 1.63 -21.78
C ASP B 448 -40.59 2.65 -20.68
N TRP B 449 -40.40 3.91 -21.08
CA TRP B 449 -40.19 4.97 -20.10
C TRP B 449 -41.40 5.16 -19.21
N ARG B 450 -42.60 5.05 -19.76
CA ARG B 450 -43.79 5.20 -18.94
CA ARG B 450 -43.79 5.20 -18.94
C ARG B 450 -43.90 4.05 -17.93
N ARG B 451 -43.47 2.87 -18.34
CA ARG B 451 -43.49 1.72 -17.43
C ARG B 451 -42.47 1.94 -16.32
N HIS B 452 -41.34 2.54 -16.67
CA HIS B 452 -40.28 2.84 -15.70
C HIS B 452 -40.77 3.83 -14.65
N PHE B 453 -41.32 4.95 -15.10
CA PHE B 453 -41.77 5.98 -14.16
C PHE B 453 -43.05 5.58 -13.44
N GLY B 454 -43.88 4.76 -14.09
CA GLY B 454 -45.12 4.34 -13.49
C GLY B 454 -45.93 5.55 -13.08
N ASP B 455 -46.44 5.54 -11.85
CA ASP B 455 -47.30 6.62 -11.38
C ASP B 455 -46.58 7.97 -11.24
N GLN B 456 -45.24 7.95 -11.34
CA GLN B 456 -44.47 9.18 -11.29
C GLN B 456 -44.37 9.88 -12.67
N TRP B 457 -44.95 9.26 -13.70
CA TRP B 457 -44.81 9.78 -15.06
C TRP B 457 -45.49 11.14 -15.25
N SER B 458 -46.71 11.26 -14.76
CA SER B 458 -47.45 12.52 -14.86
C SER B 458 -46.68 13.71 -14.29
N LYS B 459 -46.11 13.54 -13.11
CA LYS B 459 -45.31 14.60 -12.51
C LYS B 459 -44.09 14.91 -13.37
N PHE B 460 -43.46 13.87 -13.91
CA PHE B 460 -42.23 14.06 -14.69
C PHE B 460 -42.55 14.88 -15.93
N VAL B 461 -43.67 14.57 -16.57
CA VAL B 461 -44.09 15.27 -17.78
C VAL B 461 -44.44 16.71 -17.45
N GLN B 462 -45.11 16.91 -16.32
CA GLN B 462 -45.51 18.25 -15.91
C GLN B 462 -44.27 19.12 -15.69
N LEU B 463 -43.23 18.51 -15.12
CA LEU B 463 -41.97 19.20 -14.92
C LEU B 463 -41.34 19.55 -16.27
N LYS B 464 -41.39 18.60 -17.20
CA LYS B 464 -40.78 18.79 -18.49
C LYS B 464 -41.45 19.95 -19.19
N LEU B 465 -42.78 19.99 -19.11
CA LEU B 465 -43.52 21.05 -19.78
C LEU B 465 -43.26 22.40 -19.14
N ALA B 466 -42.97 22.41 -17.85
CA ALA B 466 -42.72 23.65 -17.13
C ALA B 466 -41.33 24.21 -17.43
N PHE B 467 -40.33 23.34 -17.56
CA PHE B 467 -38.94 23.81 -17.56
C PHE B 467 -38.17 23.55 -18.86
N ASP B 468 -38.68 22.66 -19.70
CA ASP B 468 -38.07 22.36 -20.99
C ASP B 468 -39.15 21.87 -21.95
N PRO B 469 -40.17 22.69 -22.20
CA PRO B 469 -41.34 22.28 -23.00
C PRO B 469 -40.99 21.81 -24.42
N MET B 470 -39.93 22.34 -25.01
CA MET B 470 -39.56 21.95 -26.37
C MET B 470 -38.63 20.72 -26.42
N ALA B 471 -38.23 20.23 -25.25
CA ALA B 471 -37.33 19.07 -25.15
C ALA B 471 -36.00 19.35 -25.85
N VAL B 472 -35.41 20.47 -25.47
CA VAL B 472 -34.09 20.86 -25.92
C VAL B 472 -32.98 20.09 -25.21
N LEU B 473 -33.18 19.83 -23.93
CA LEU B 473 -32.10 19.43 -23.03
C LEU B 473 -32.01 17.92 -22.81
N ALA B 474 -30.78 17.42 -22.77
CA ALA B 474 -30.45 16.01 -22.48
C ALA B 474 -31.20 15.04 -23.39
N PRO B 475 -31.11 15.23 -24.71
CA PRO B 475 -31.83 14.39 -25.67
C PRO B 475 -31.38 12.94 -25.62
N GLY B 476 -30.15 12.72 -25.16
CA GLY B 476 -29.54 11.40 -25.12
C GLY B 476 -30.20 10.45 -24.14
N GLN B 477 -31.03 10.98 -23.24
CA GLN B 477 -31.75 10.12 -22.28
C GLN B 477 -32.86 9.41 -23.03
N LYS B 478 -33.25 9.99 -24.16
CA LYS B 478 -34.25 9.43 -25.07
C LYS B 478 -35.64 9.31 -24.43
N ILE B 479 -35.96 10.21 -23.52
CA ILE B 479 -37.28 10.20 -22.88
C ILE B 479 -38.25 11.06 -23.69
N PHE B 480 -37.81 12.26 -24.04
CA PHE B 480 -38.61 13.20 -24.80
C PHE B 480 -37.93 13.54 -26.11
N THR B 481 -38.72 13.66 -27.17
CA THR B 481 -38.20 14.02 -28.47
CA THR B 481 -38.18 14.03 -28.46
C THR B 481 -38.26 15.54 -28.65
N ARG B 482 -37.20 16.12 -29.20
CA ARG B 482 -37.21 17.53 -29.55
C ARG B 482 -38.48 17.90 -30.32
N ARG B 483 -39.21 18.89 -29.82
CA ARG B 483 -40.43 19.30 -30.50
C ARG B 483 -40.20 20.56 -31.32
N THR B 484 -40.81 20.59 -32.50
CA THR B 484 -40.88 21.79 -33.31
C THR B 484 -42.33 22.25 -33.31
N LYS B 485 -42.56 23.54 -33.08
CA LYS B 485 -43.91 24.12 -33.05
C LYS B 485 -44.87 23.35 -32.12
N LYS B 486 -46.01 22.92 -32.66
CA LYS B 486 -46.97 22.15 -31.87
C LYS B 486 -47.02 20.71 -32.37
N ASP B 487 -45.89 20.22 -32.85
CA ASP B 487 -45.80 18.86 -33.37
C ASP B 487 -46.08 17.85 -32.24
N PRO B 488 -46.84 16.79 -32.55
CA PRO B 488 -47.02 15.72 -31.55
C PRO B 488 -45.69 15.14 -31.11
N ALA B 489 -45.44 15.11 -29.81
CA ALA B 489 -44.19 14.59 -29.30
C ALA B 489 -44.37 14.05 -27.89
PA FAD C . 29.69 -6.44 1.02
O1A FAD C . 29.77 -6.33 -0.47
O2A FAD C . 29.52 -5.05 1.64
O5B FAD C . 31.03 -7.09 1.56
C5B FAD C . 31.40 -7.09 2.95
C4B FAD C . 32.73 -7.68 3.17
O4B FAD C . 32.68 -9.15 3.08
C3B FAD C . 33.71 -7.27 2.19
O3B FAD C . 35.01 -7.26 2.86
C2B FAD C . 33.65 -8.30 1.17
O2B FAD C . 34.84 -8.39 0.40
C1B FAD C . 33.45 -9.53 1.91
N9A FAD C . 32.63 -10.52 1.24
C8A FAD C . 31.54 -10.32 0.48
N7A FAD C . 31.05 -11.51 0.08
C5A FAD C . 31.82 -12.49 0.61
C6A FAD C . 31.80 -13.90 0.56
N6A FAD C . 30.82 -14.58 -0.19
N1A FAD C . 32.73 -14.59 1.22
C2A FAD C . 33.71 -13.99 1.95
N3A FAD C . 33.76 -12.63 2.02
C4A FAD C . 32.84 -11.89 1.37
N1 FAD C . 23.99 -5.38 8.82
C2 FAD C . 23.41 -6.04 9.98
O2 FAD C . 24.12 -6.81 10.64
N3 FAD C . 22.06 -5.77 10.29
C4 FAD C . 21.24 -4.91 9.55
O4 FAD C . 20.07 -4.70 9.82
C4X FAD C . 21.83 -4.25 8.38
N5 FAD C . 21.11 -3.40 7.63
C5X FAD C . 21.74 -2.77 6.45
C6 FAD C . 20.97 -1.90 5.66
C7 FAD C . 21.53 -1.28 4.53
C7M FAD C . 20.63 -0.35 3.68
C8 FAD C . 22.89 -1.54 4.19
C8M FAD C . 23.56 -0.92 2.98
C9 FAD C . 23.65 -2.41 4.98
C9A FAD C . 23.11 -3.01 6.12
N10 FAD C . 23.84 -3.91 6.95
C10 FAD C . 23.27 -4.54 8.07
C1' FAD C . 25.26 -4.17 6.71
C2' FAD C . 25.69 -5.38 6.00
O2' FAD C . 25.75 -6.34 6.96
C3' FAD C . 27.11 -5.02 5.52
O3' FAD C . 27.08 -4.04 4.53
C4' FAD C . 27.81 -6.24 5.03
O4' FAD C . 29.00 -5.88 4.44
C5' FAD C . 26.93 -7.09 4.09
O5' FAD C . 26.70 -6.44 2.87
P FAD C . 27.02 -7.16 1.49
O1P FAD C . 26.35 -8.52 1.40
O2P FAD C . 26.58 -6.25 0.36
O3P FAD C . 28.56 -7.41 1.44
C1 PEG D . 6.31 -4.44 2.42
O1 PEG D . 6.31 -4.75 3.80
C2 PEG D . 7.07 -5.52 1.61
O2 PEG D . 6.24 -6.70 1.47
C3 PEG D . 6.52 -7.48 0.32
C4 PEG D . 6.04 -8.90 0.52
O4 PEG D . 4.69 -9.03 0.20
C1 GOL E . -11.00 -11.58 15.15
O1 GOL E . -9.80 -12.26 14.89
C2 GOL E . -11.70 -12.29 16.31
O2 GOL E . -11.62 -13.68 16.08
C3 GOL E . -10.98 -11.95 17.62
O3 GOL E . -11.71 -12.48 18.70
C1 GOL F . 22.48 -0.72 -2.38
O1 GOL F . 21.46 -1.61 -2.76
C2 GOL F . 23.51 -0.59 -3.50
O2 GOL F . 22.83 0.05 -4.54
C3 GOL F . 24.64 0.31 -2.98
O3 GOL F . 25.88 -0.07 -3.53
C1 GOL G . 20.73 -4.03 13.29
O1 GOL G . 19.55 -3.37 13.61
C2 GOL G . 21.54 -3.22 12.29
O2 GOL G . 20.92 -2.00 11.95
C3 GOL G . 22.91 -2.94 12.88
O3 GOL G . 23.79 -2.74 11.80
C1 GOL H . 28.05 -21.58 14.04
O1 GOL H . 26.94 -20.78 13.66
C2 GOL H . 28.12 -21.75 15.55
O2 GOL H . 28.35 -20.50 16.16
C3 GOL H . 26.83 -22.34 16.10
O3 GOL H . 26.93 -22.32 17.51
C1 PG6 I . 18.16 4.55 3.86
O1 PG6 I . 17.86 3.23 4.36
C2 PG6 I . 17.75 3.12 5.76
C3 PG6 I . 17.22 1.75 6.16
O2 PG6 I . 17.15 1.66 7.59
C4 PG6 I . 16.28 0.65 8.14
C5 PG6 I . 16.79 0.18 9.52
O3 PG6 I . 15.73 -0.02 10.42
C6 PG6 I . 15.55 1.08 11.40
C7 PG6 I . 14.29 0.86 12.31
O4 PG6 I . 13.71 2.12 12.69
C8 PG6 I . 13.21 2.83 11.54
C9 PG6 I . 12.34 4.02 11.86
O5 PG6 I . 11.04 3.79 11.37
C10 PG6 I . 10.82 3.97 9.96
C11 PG6 I . 9.73 3.02 9.46
O6 PG6 I . 8.46 3.38 10.01
C12 PG6 I . 7.35 2.52 9.62
N NH4 J . -2.73 -4.82 23.57
HN1 NH4 J . -2.34 -3.93 23.51
HN2 NH4 J . -2.66 -5.28 22.71
HN3 NH4 J . -2.23 -5.33 24.25
HN4 NH4 J . -3.67 -4.74 23.84
PA FAD K . -22.39 12.41 -17.53
O1A FAD K . -21.53 13.16 -18.53
O2A FAD K . -22.36 10.93 -17.77
O5B FAD K . -23.87 12.92 -17.63
C5B FAD K . -24.96 12.20 -17.04
C4B FAD K . -26.26 12.79 -17.46
O4B FAD K . -26.53 14.02 -16.68
C3B FAD K . -26.29 13.19 -18.83
O3B FAD K . -27.67 13.14 -19.24
C2B FAD K . -25.85 14.57 -18.84
O2B FAD K . -26.37 15.29 -19.96
C1B FAD K . -26.44 15.12 -17.63
N9A FAD K . -25.65 16.13 -17.00
C8A FAD K . -24.29 16.20 -16.89
N7A FAD K . -23.95 17.30 -16.20
C5A FAD K . -25.07 17.96 -15.83
C6A FAD K . -25.36 19.14 -15.11
N6A FAD K . -24.32 19.94 -14.58
N1A FAD K . -26.62 19.52 -14.91
C2A FAD K . -27.67 18.81 -15.41
N3A FAD K . -27.42 17.67 -16.12
C4A FAD K . -26.17 17.23 -16.33
N1 FAD K . -22.49 6.13 -10.03
C2 FAD K . -22.87 5.93 -8.64
O2 FAD K . -23.98 6.31 -8.26
N3 FAD K . -21.95 5.30 -7.78
C4 FAD K . -20.69 4.83 -8.18
O4 FAD K . -19.88 4.28 -7.43
C4X FAD K . -20.31 5.04 -9.56
N5 FAD K . -19.11 4.63 -10.01
C5X FAD K . -18.75 4.88 -11.42
C6 FAD K . -17.49 4.46 -11.86
C7 FAD K . -17.10 4.67 -13.18
C7M FAD K . -15.69 4.18 -13.59
C8 FAD K . -17.99 5.32 -14.10
C8M FAD K . -17.68 5.60 -15.55
C9 FAD K . -19.27 5.72 -13.65
C9A FAD K . -19.66 5.52 -12.32
N10 FAD K . -20.92 5.93 -11.81
C10 FAD K . -21.29 5.72 -10.47
C1' FAD K . -21.94 6.54 -12.66
C2' FAD K . -22.12 8.00 -12.71
O2' FAD K . -22.93 8.32 -11.67
C3' FAD K . -22.82 8.26 -14.04
O3' FAD K . -21.95 8.00 -15.10
C4' FAD K . -23.31 9.67 -14.10
O4' FAD K . -23.79 9.94 -15.34
C5' FAD K . -22.24 10.71 -13.66
O5' FAD K . -21.19 10.80 -14.60
P FAD K . -20.76 12.20 -15.24
O1P FAD K . -20.52 13.21 -14.14
O2P FAD K . -19.57 11.94 -16.11
O3P FAD K . -21.99 12.75 -16.05
C1 PEG L . -22.58 26.32 -33.80
O1 PEG L . -22.79 25.71 -35.06
C2 PEG L . -23.94 26.49 -33.07
O2 PEG L . -23.76 27.25 -31.86
C3 PEG L . -24.92 27.94 -31.44
C4 PEG L . -25.62 27.17 -30.35
O4 PEG L . -26.95 27.61 -30.22
C1 PEG M . -7.75 -5.52 -4.45
O1 PEG M . -7.11 -6.78 -4.38
C2 PEG M . -8.25 -5.11 -3.03
O2 PEG M . -7.67 -3.84 -2.67
C3 PEG M . -6.85 -3.86 -1.52
C4 PEG M . -6.19 -2.52 -1.33
O4 PEG M . -5.30 -2.56 -0.24
C1 PEG N . -13.47 -5.72 -5.93
O1 PEG N . -12.06 -5.63 -5.81
C2 PEG N . -14.07 -4.30 -5.95
O2 PEG N . -15.41 -4.30 -5.43
C3 PEG N . -15.96 -3.02 -5.26
C4 PEG N . -15.93 -2.28 -6.58
O4 PEG N . -16.20 -0.91 -6.38
C1 GOL O . -13.23 0.23 -13.86
O1 GOL O . -12.77 -0.80 -14.72
C2 GOL O . -14.15 -0.30 -12.76
O2 GOL O . -13.90 -1.66 -12.48
C3 GOL O . -13.98 0.54 -11.50
O3 GOL O . -14.69 -0.02 -10.41
C1 GOL P . -13.22 9.88 -18.05
O1 GOL P . -12.77 8.87 -17.18
C2 GOL P . -13.42 9.36 -19.48
O2 GOL P . -12.56 8.26 -19.74
C3 GOL P . -14.86 8.90 -19.65
O3 GOL P . -15.12 8.66 -21.01
C1 GOL Q . -29.65 -11.20 14.37
O1 GOL Q . -28.70 -11.10 15.40
C2 GOL Q . -28.89 -11.06 13.05
O2 GOL Q . -27.52 -11.20 13.35
C3 GOL Q . -29.33 -12.17 12.11
O3 GOL Q . -28.35 -12.29 11.10
C1 GOL R . -28.73 11.10 -29.35
O1 GOL R . -27.72 12.07 -29.19
C2 GOL R . -30.08 11.78 -29.26
O2 GOL R . -29.92 13.13 -29.64
C3 GOL R . -31.05 11.11 -30.22
O3 GOL R . -32.23 11.86 -30.28
C1 GOL S . -11.53 22.57 -8.41
O1 GOL S . -12.23 21.93 -9.46
C2 GOL S . -12.53 23.05 -7.36
O2 GOL S . -13.69 22.25 -7.38
C3 GOL S . -11.89 22.97 -5.98
O3 GOL S . -10.80 23.86 -5.94
C1 GOL T . -22.64 1.18 -6.37
O1 GOL T . -21.53 1.18 -5.52
C2 GOL T . -22.39 1.95 -7.66
O2 GOL T . -21.31 1.40 -8.38
C3 GOL T . -23.63 1.83 -8.51
O3 GOL T . -23.39 2.37 -9.79
C1 GOL U . -32.21 17.55 -0.94
O1 GOL U . -31.09 16.68 -1.02
C2 GOL U . -33.27 16.95 -0.04
O2 GOL U . -33.35 15.55 -0.24
C3 GOL U . -32.94 17.21 1.41
O3 GOL U . -33.71 16.33 2.20
N NH4 V . -11.07 -7.29 14.92
HN1 NH4 V . -10.75 -6.41 14.62
HN2 NH4 V . -11.14 -7.90 14.16
HN3 NH4 V . -10.44 -7.66 15.58
HN4 NH4 V . -11.95 -7.18 15.34
#